data_2X41
#
_entry.id   2X41
#
_cell.length_a   75.130
_cell.length_b   128.460
_cell.length_c   176.290
_cell.angle_alpha   90.00
_cell.angle_beta   90.00
_cell.angle_gamma   90.00
#
_symmetry.space_group_name_H-M   'C 2 2 21'
#
loop_
_entity.id
_entity.type
_entity.pdbx_description
1 polymer BETA-GLUCOSIDASE
2 non-polymer 'BROMIDE ION'
3 non-polymer beta-D-glucopyranose
4 water water
#
_entity_poly.entity_id   1
_entity_poly.type   'polypeptide(L)'
_entity_poly.pdbx_seq_one_letter_code
;MEKVNEILSQLTLEEKVKLVVGVGLPGLFGNPHSRVAGAAGETHPVPRVGLPAFVLADGPAGLRINPTRENDENTYYTTA
FPVEIMLASTWNRELLEEVGKAMGEEVREYGVDVLLAPAMNIHRNPLCGRNFEYYSEDPVLSGEMASSFVKGVQSQGVGA
CIKHFVANNQETNRMVVDTIVSERALREIYLRGFEIAVKKSKPWSVMSAYNKLNGKYCSQNEWLLKKVLREEWGFEGFVM
SDWYAGDNPVEQLKAGNDLIMPGKAYQVNTERRDEIEEIMEALKEGKLSEEVLDECVRNILKVLVNAPSFKNYRYSNKPD
LEKHAKVAYEAGAEGVVLLRNEEALPLSENSKIALFGTGQIETIKGGTGSGDTHPRYAISILEGIKERGLNFDEELAKTY
EDYIKKMRETEEYKPRRDSWGTIIKPKLPENFLSEKEIHKLAKKNDVAVIVISRISGEGYDRKPVKGDFYLSDDETDLIK
TVSREFHEQGKKVIVLLNIGSPVEVVSWRDLVDGILLVWQAGQETGRIVADVLTGRINPSGKLPTTFPRDYSDVPSWTFP
GEPKDNPQKVVYEEDIYVGYRYYDTFGVEPAYEFGYGLSYTTFEYSDLNVSFDGETLRVQYRIENTGGRAGKEVSQVYIK
APKGKIDKPFQELKAFHKTRLLNPGESEEVVLEIPVRDLASFNGEEWVVEAGEYEVRVGASSRNIKLKGTFSVGEERRFK
P
;
_entity_poly.pdbx_strand_id   A
#
# COMPACT_ATOMS: atom_id res chain seq x y z
N GLU A 2 -13.81 32.89 7.65
CA GLU A 2 -13.68 34.33 7.46
C GLU A 2 -12.34 34.68 6.81
N LYS A 3 -11.27 34.06 7.29
CA LYS A 3 -9.95 34.22 6.69
C LYS A 3 -10.02 33.93 5.19
N VAL A 4 -10.63 32.80 4.84
CA VAL A 4 -10.75 32.38 3.45
C VAL A 4 -11.52 33.40 2.63
N ASN A 5 -12.72 33.74 3.10
CA ASN A 5 -13.56 34.71 2.42
C ASN A 5 -12.88 36.09 2.32
N GLU A 6 -11.99 36.36 3.26
CA GLU A 6 -11.24 37.61 3.26
C GLU A 6 -10.23 37.62 2.12
N ILE A 7 -9.34 36.63 2.11
CA ILE A 7 -8.36 36.47 1.05
C ILE A 7 -9.03 36.39 -0.32
N LEU A 8 -10.03 35.53 -0.43
CA LEU A 8 -10.71 35.30 -1.70
C LEU A 8 -11.30 36.60 -2.26
N SER A 9 -11.83 37.45 -1.40
CA SER A 9 -12.43 38.70 -1.84
C SER A 9 -11.37 39.69 -2.32
N GLN A 10 -10.12 39.43 -1.95
CA GLN A 10 -9.01 40.33 -2.28
C GLN A 10 -8.29 39.90 -3.56
N LEU A 11 -8.45 38.64 -3.92
CA LEU A 11 -7.77 38.09 -5.08
C LEU A 11 -8.32 38.63 -6.40
N THR A 12 -7.43 38.90 -7.34
CA THR A 12 -7.84 39.27 -8.69
C THR A 12 -8.13 38.00 -9.48
N LEU A 13 -8.76 38.16 -10.64
CA LEU A 13 -9.10 37.02 -11.47
C LEU A 13 -7.86 36.19 -11.80
N GLU A 14 -6.80 36.86 -12.23
CA GLU A 14 -5.57 36.18 -12.63
C GLU A 14 -4.92 35.42 -11.46
N GLU A 15 -4.84 36.05 -10.30
CA GLU A 15 -4.28 35.42 -9.12
C GLU A 15 -5.03 34.13 -8.76
N LYS A 16 -6.35 34.16 -8.89
CA LYS A 16 -7.16 32.98 -8.62
C LYS A 16 -6.81 31.84 -9.57
N VAL A 17 -6.58 32.18 -10.84
CA VAL A 17 -6.19 31.17 -11.82
C VAL A 17 -4.81 30.61 -11.49
N LYS A 18 -3.88 31.48 -11.16
CA LYS A 18 -2.54 31.06 -10.73
C LYS A 18 -2.63 30.05 -9.58
N LEU A 19 -3.55 30.29 -8.66
CA LEU A 19 -3.67 29.45 -7.47
C LEU A 19 -4.15 28.02 -7.74
N VAL A 20 -4.92 27.82 -8.82
CA VAL A 20 -5.44 26.48 -9.11
C VAL A 20 -4.52 25.66 -10.02
N VAL A 21 -3.36 26.22 -10.36
CA VAL A 21 -2.37 25.49 -11.16
C VAL A 21 -1.02 25.44 -10.47
N GLY A 22 -0.40 24.27 -10.45
CA GLY A 22 0.94 24.12 -9.93
C GLY A 22 1.93 24.95 -10.72
N VAL A 23 3.14 25.13 -10.20
CA VAL A 23 4.14 26.00 -10.81
C VAL A 23 5.08 25.25 -11.76
N GLY A 24 4.73 24.01 -12.08
CA GLY A 24 5.58 23.18 -12.92
C GLY A 24 6.37 22.19 -12.08
N LEU A 25 6.81 21.09 -12.69
CA LEU A 25 7.59 20.10 -11.95
C LEU A 25 8.90 20.72 -11.48
N PRO A 26 9.08 20.82 -10.15
CA PRO A 26 10.24 21.53 -9.58
C PRO A 26 11.56 20.86 -9.90
N GLY A 27 12.57 21.67 -10.25
CA GLY A 27 13.91 21.17 -10.47
C GLY A 27 14.09 20.40 -11.76
N LEU A 28 13.03 20.31 -12.56
CA LEU A 28 13.12 19.61 -13.84
C LEU A 28 12.78 20.54 -15.00
N PHE A 29 13.23 20.16 -16.19
CA PHE A 29 13.04 21.00 -17.37
C PHE A 29 13.64 22.37 -17.05
N GLY A 30 12.93 23.44 -17.34
CA GLY A 30 13.46 24.76 -17.04
C GLY A 30 13.29 25.16 -15.59
N ASN A 31 12.53 24.37 -14.83
CA ASN A 31 12.01 24.79 -13.54
C ASN A 31 13.01 24.82 -12.39
N PRO A 32 12.88 25.83 -11.50
CA PRO A 32 13.68 25.96 -10.28
C PRO A 32 13.38 24.84 -9.29
N HIS A 33 14.34 24.51 -8.46
CA HIS A 33 14.09 23.54 -7.39
C HIS A 33 13.07 24.12 -6.42
N SER A 34 12.28 23.23 -5.82
CA SER A 34 11.40 23.63 -4.73
C SER A 34 12.28 24.12 -3.59
N ARG A 35 11.75 24.98 -2.73
CA ARG A 35 12.50 25.40 -1.54
C ARG A 35 12.81 24.18 -0.69
N VAL A 36 12.05 23.11 -0.90
CA VAL A 36 12.38 21.81 -0.38
C VAL A 36 12.81 20.92 -1.54
N ALA A 37 14.11 20.92 -1.82
CA ALA A 37 14.63 20.24 -3.01
C ALA A 37 14.15 18.80 -3.13
N GLY A 38 13.55 18.48 -4.28
CA GLY A 38 13.08 17.13 -4.53
C GLY A 38 11.57 16.97 -4.38
N ALA A 39 10.92 17.98 -3.81
CA ALA A 39 9.48 17.94 -3.63
C ALA A 39 8.76 17.72 -4.97
N ALA A 40 7.58 17.13 -4.92
CA ALA A 40 6.85 16.77 -6.13
C ALA A 40 6.19 17.97 -6.80
N GLY A 41 5.80 18.97 -6.01
CA GLY A 41 5.14 20.14 -6.58
C GLY A 41 5.01 21.29 -5.61
N GLU A 42 4.72 22.47 -6.17
CA GLU A 42 4.46 23.68 -5.38
C GLU A 42 3.29 24.47 -5.96
N THR A 43 2.57 25.18 -5.08
CA THR A 43 1.52 26.08 -5.52
C THR A 43 2.10 27.47 -5.79
N HIS A 44 1.35 28.30 -6.51
CA HIS A 44 1.78 29.68 -6.78
C HIS A 44 1.61 30.56 -5.55
N PRO A 45 2.66 31.29 -5.15
CA PRO A 45 2.52 32.25 -4.05
C PRO A 45 1.79 33.51 -4.51
N VAL A 46 1.12 34.18 -3.57
CA VAL A 46 0.55 35.49 -3.82
C VAL A 46 0.85 36.41 -2.64
N PRO A 47 2.08 36.94 -2.58
CA PRO A 47 2.51 37.82 -1.48
C PRO A 47 1.53 38.97 -1.29
N ARG A 48 1.00 39.48 -2.40
CA ARG A 48 0.04 40.58 -2.37
C ARG A 48 -0.95 40.46 -1.21
N VAL A 49 -1.54 39.29 -1.06
CA VAL A 49 -2.55 39.07 -0.04
C VAL A 49 -2.07 38.12 1.07
N GLY A 50 -0.77 37.88 1.13
CA GLY A 50 -0.16 37.10 2.20
C GLY A 50 -0.19 35.60 2.03
N LEU A 51 -0.30 35.12 0.79
CA LEU A 51 -0.27 33.69 0.52
C LEU A 51 1.12 33.21 0.11
N PRO A 52 1.63 32.19 0.80
CA PRO A 52 2.93 31.59 0.45
C PRO A 52 2.71 30.47 -0.56
N ALA A 53 3.81 29.94 -1.09
CA ALA A 53 3.75 28.73 -1.89
C ALA A 53 3.67 27.54 -0.94
N PHE A 54 2.75 26.62 -1.21
CA PHE A 54 2.69 25.41 -0.40
C PHE A 54 3.44 24.29 -1.09
N VAL A 55 4.03 23.40 -0.30
CA VAL A 55 4.86 22.33 -0.82
C VAL A 55 4.21 20.97 -0.68
N LEU A 56 4.19 20.22 -1.78
CA LEU A 56 3.66 18.87 -1.82
C LEU A 56 4.77 17.88 -2.13
N ALA A 57 4.78 16.74 -1.44
CA ALA A 57 5.84 15.75 -1.64
C ALA A 57 5.38 14.31 -1.43
N ASP A 58 5.99 13.39 -2.16
CA ASP A 58 5.79 11.96 -1.93
C ASP A 58 6.55 11.55 -0.66
N GLY A 59 6.26 10.37 -0.11
CA GLY A 59 5.26 9.45 -0.64
C GLY A 59 4.88 8.39 0.37
N PRO A 60 4.28 7.29 -0.09
CA PRO A 60 3.71 6.23 0.75
C PRO A 60 4.72 5.46 1.63
N ALA A 61 5.97 5.36 1.22
CA ALA A 61 6.96 4.61 2.00
C ALA A 61 7.79 5.53 2.88
N GLY A 62 7.45 6.81 2.87
CA GLY A 62 8.22 7.81 3.59
C GLY A 62 8.42 9.04 2.72
N LEU A 63 8.74 10.16 3.34
CA LEU A 63 8.96 11.41 2.63
C LEU A 63 10.09 11.26 1.60
N ARG A 64 9.79 11.61 0.35
CA ARG A 64 10.80 11.57 -0.69
C ARG A 64 11.25 12.99 -1.08
N ILE A 65 12.43 13.36 -0.59
CA ILE A 65 13.07 14.62 -0.98
C ILE A 65 14.56 14.35 -1.18
N ASN A 66 15.27 15.31 -1.74
CA ASN A 66 16.70 15.14 -1.98
C ASN A 66 17.51 15.12 -0.68
N PRO A 67 18.37 14.10 -0.50
CA PRO A 67 19.17 13.93 0.71
C PRO A 67 20.20 15.05 0.86
N THR A 68 20.63 15.61 -0.27
CA THR A 68 21.62 16.68 -0.26
C THR A 68 21.17 17.84 -1.12
N ARG A 69 21.83 18.99 -0.96
CA ARG A 69 21.54 20.16 -1.77
C ARG A 69 22.83 20.86 -2.16
N GLU A 70 22.77 21.63 -3.25
CA GLU A 70 23.93 22.37 -3.73
C GLU A 70 24.27 23.49 -2.76
N ASN A 71 25.55 23.82 -2.67
CA ASN A 71 26.01 24.86 -1.76
C ASN A 71 25.40 24.65 -0.37
N ASP A 72 25.42 23.40 0.09
CA ASP A 72 24.79 23.05 1.36
C ASP A 72 25.55 21.91 2.03
N GLU A 73 25.86 22.10 3.31
CA GLU A 73 26.61 21.10 4.06
C GLU A 73 25.68 20.19 4.88
N ASN A 74 24.42 20.58 4.98
CA ASN A 74 23.45 19.84 5.79
C ASN A 74 22.87 18.62 5.10
N THR A 75 22.39 17.69 5.92
CA THR A 75 21.77 16.46 5.46
C THR A 75 20.25 16.57 5.54
N TYR A 76 19.56 15.84 4.67
CA TYR A 76 18.10 15.85 4.66
C TYR A 76 17.55 14.44 4.48
N TYR A 77 18.19 13.49 5.15
CA TYR A 77 17.77 12.10 5.05
C TYR A 77 16.41 11.88 5.70
N THR A 78 15.70 10.87 5.21
CA THR A 78 14.36 10.59 5.67
C THR A 78 14.27 9.13 6.09
N THR A 79 13.20 8.76 6.78
CA THR A 79 13.01 7.38 7.18
C THR A 79 12.25 6.59 6.11
N ALA A 80 12.82 5.48 5.69
CA ALA A 80 12.18 4.60 4.70
C ALA A 80 11.45 3.47 5.40
N PHE A 81 10.12 3.50 5.36
CA PHE A 81 9.31 2.54 6.07
C PHE A 81 9.00 1.32 5.22
N PRO A 82 8.51 0.24 5.87
CA PRO A 82 7.99 -0.90 5.13
C PRO A 82 6.96 -0.42 4.11
N VAL A 83 6.88 -1.09 2.97
CA VAL A 83 5.89 -0.72 1.95
C VAL A 83 4.48 -1.02 2.42
N GLU A 84 3.50 -0.38 1.79
CA GLU A 84 2.12 -0.45 2.26
C GLU A 84 1.55 -1.86 2.35
N ILE A 85 1.89 -2.72 1.41
CA ILE A 85 1.34 -4.07 1.41
C ILE A 85 1.83 -4.81 2.66
N MET A 86 3.00 -4.42 3.14
CA MET A 86 3.54 -4.98 4.37
C MET A 86 2.89 -4.31 5.58
N LEU A 87 2.70 -3.00 5.49
CA LEU A 87 1.98 -2.27 6.54
C LEU A 87 0.58 -2.85 6.72
N ALA A 88 -0.06 -3.19 5.61
CA ALA A 88 -1.40 -3.76 5.65
C ALA A 88 -1.36 -5.14 6.32
N SER A 89 -0.27 -5.86 6.11
CA SER A 89 -0.13 -7.19 6.68
C SER A 89 -0.12 -7.19 8.21
N THR A 90 0.15 -6.03 8.80
CA THR A 90 0.12 -5.89 10.25
C THR A 90 -1.30 -5.94 10.80
N TRP A 91 -2.28 -5.58 9.98
CA TRP A 91 -3.66 -5.49 10.40
C TRP A 91 -3.80 -4.69 11.71
N ASN A 92 -2.92 -3.72 11.90
CA ASN A 92 -2.83 -2.99 13.18
C ASN A 92 -3.05 -1.49 12.98
N ARG A 93 -4.25 -1.03 13.30
CA ARG A 93 -4.60 0.38 13.16
C ARG A 93 -3.71 1.29 14.02
N GLU A 94 -3.56 0.94 15.28
CA GLU A 94 -2.73 1.71 16.20
C GLU A 94 -1.36 1.95 15.58
N LEU A 95 -0.75 0.88 15.10
CA LEU A 95 0.57 0.94 14.49
C LEU A 95 0.59 1.82 13.24
N LEU A 96 -0.45 1.74 12.42
CA LEU A 96 -0.52 2.57 11.22
C LEU A 96 -0.55 4.05 11.58
N GLU A 97 -1.25 4.37 12.66
CA GLU A 97 -1.31 5.74 13.15
C GLU A 97 0.07 6.23 13.60
N GLU A 98 0.81 5.36 14.28
CA GLU A 98 2.17 5.68 14.70
C GLU A 98 3.09 5.92 13.51
N VAL A 99 2.91 5.13 12.46
CA VAL A 99 3.70 5.31 11.24
C VAL A 99 3.38 6.66 10.62
N GLY A 100 2.09 7.03 10.63
CA GLY A 100 1.67 8.33 10.14
C GLY A 100 2.25 9.49 10.94
N LYS A 101 2.24 9.37 12.27
CA LYS A 101 2.82 10.42 13.10
C LYS A 101 4.30 10.60 12.77
N ALA A 102 5.04 9.50 12.73
CA ALA A 102 6.46 9.54 12.44
C ALA A 102 6.76 10.24 11.12
N MET A 103 6.08 9.81 10.04
CA MET A 103 6.22 10.43 8.73
C MET A 103 5.78 11.90 8.79
N GLY A 104 4.67 12.14 9.47
CA GLY A 104 4.11 13.48 9.57
C GLY A 104 5.07 14.46 10.22
N GLU A 105 5.78 14.00 11.25
CA GLU A 105 6.75 14.86 11.92
C GLU A 105 7.85 15.27 10.96
N GLU A 106 8.28 14.32 10.14
CA GLU A 106 9.34 14.59 9.15
C GLU A 106 8.82 15.52 8.07
N VAL A 107 7.59 15.29 7.62
CA VAL A 107 6.97 16.18 6.66
C VAL A 107 6.98 17.61 7.18
N ARG A 108 6.48 17.80 8.40
CA ARG A 108 6.43 19.13 9.00
C ARG A 108 7.81 19.78 9.11
N GLU A 109 8.76 19.08 9.71
CA GLU A 109 10.06 19.66 9.99
C GLU A 109 10.95 19.89 8.76
N TYR A 110 10.63 19.23 7.65
CA TYR A 110 11.38 19.46 6.41
C TYR A 110 10.70 20.47 5.49
N GLY A 111 9.70 21.17 6.04
CA GLY A 111 9.07 22.26 5.32
C GLY A 111 7.99 21.85 4.31
N VAL A 112 7.49 20.63 4.44
CA VAL A 112 6.44 20.18 3.53
C VAL A 112 5.05 20.40 4.13
N ASP A 113 4.08 20.73 3.27
CA ASP A 113 2.72 21.03 3.72
C ASP A 113 1.76 19.85 3.51
N VAL A 114 1.91 19.15 2.39
CA VAL A 114 1.04 18.01 2.10
C VAL A 114 1.85 16.80 1.67
N LEU A 115 1.65 15.69 2.37
CA LEU A 115 2.27 14.42 2.01
C LEU A 115 1.39 13.66 1.01
N LEU A 116 1.99 13.22 -0.09
CA LEU A 116 1.25 12.53 -1.15
C LEU A 116 1.06 11.05 -0.80
N ALA A 117 0.25 10.80 0.22
CA ALA A 117 0.06 9.47 0.77
C ALA A 117 -1.14 9.51 1.71
N PRO A 118 -1.77 8.35 1.95
CA PRO A 118 -1.38 7.04 1.44
C PRO A 118 -2.00 6.71 0.08
N ALA A 119 -1.39 5.77 -0.65
CA ALA A 119 -2.01 5.18 -1.83
C ALA A 119 -2.91 4.05 -1.33
N MET A 120 -4.10 3.93 -1.90
CA MET A 120 -5.06 2.96 -1.39
C MET A 120 -5.95 2.33 -2.46
N ASN A 121 -5.42 2.20 -3.68
CA ASN A 121 -6.14 1.49 -4.73
C ASN A 121 -6.22 0.01 -4.42
N ILE A 122 -7.29 -0.63 -4.86
CA ILE A 122 -7.52 -2.05 -4.57
C ILE A 122 -6.57 -2.97 -5.34
N HIS A 123 -6.13 -4.05 -4.69
CA HIS A 123 -5.37 -5.09 -5.38
C HIS A 123 -6.32 -5.92 -6.24
N ARG A 124 -6.62 -5.42 -7.43
CA ARG A 124 -7.52 -6.13 -8.33
C ARG A 124 -6.81 -7.35 -8.91
N ASN A 125 -5.55 -7.17 -9.26
CA ASN A 125 -4.77 -8.19 -9.93
C ASN A 125 -3.36 -8.16 -9.36
N PRO A 126 -2.77 -9.34 -9.09
CA PRO A 126 -1.45 -9.37 -8.46
C PRO A 126 -0.33 -8.79 -9.32
N LEU A 127 -0.58 -8.60 -10.61
CA LEU A 127 0.45 -8.14 -11.54
C LEU A 127 0.64 -6.62 -11.54
N CYS A 128 -0.31 -5.88 -10.98
CA CYS A 128 -0.16 -4.43 -10.93
C CYS A 128 1.16 -4.01 -10.33
N GLY A 129 1.90 -3.17 -11.04
CA GLY A 129 3.24 -2.78 -10.63
C GLY A 129 3.31 -2.00 -9.34
N ARG A 130 2.20 -1.43 -8.91
CA ARG A 130 2.19 -0.60 -7.70
C ARG A 130 1.52 -1.28 -6.50
N ASN A 131 1.17 -2.55 -6.64
CA ASN A 131 0.59 -3.30 -5.53
C ASN A 131 1.38 -3.17 -4.22
N PHE A 132 2.70 -3.13 -4.32
CA PHE A 132 3.56 -3.02 -3.13
C PHE A 132 3.21 -1.78 -2.31
N GLU A 133 2.80 -0.70 -2.97
CA GLU A 133 2.45 0.52 -2.24
C GLU A 133 0.94 0.75 -2.08
N TYR A 134 0.15 -0.31 -2.23
CA TYR A 134 -1.27 -0.28 -1.87
C TYR A 134 -1.48 -1.27 -0.74
N TYR A 135 -2.61 -1.16 -0.04
CA TYR A 135 -2.85 -1.99 1.15
C TYR A 135 -3.36 -3.38 0.86
N SER A 136 -4.49 -3.49 0.15
CA SER A 136 -5.25 -4.73 0.17
C SER A 136 -6.19 -4.92 -1.02
N GLU A 137 -6.68 -6.15 -1.17
CA GLU A 137 -7.71 -6.42 -2.17
C GLU A 137 -9.07 -6.14 -1.55
N ASP A 138 -9.08 -5.83 -0.25
CA ASP A 138 -10.33 -5.64 0.46
C ASP A 138 -10.52 -4.19 0.88
N PRO A 139 -11.70 -3.63 0.61
CA PRO A 139 -11.97 -2.20 0.86
C PRO A 139 -12.00 -1.84 2.34
N VAL A 140 -12.38 -2.77 3.20
CA VAL A 140 -12.45 -2.48 4.64
C VAL A 140 -11.06 -2.43 5.29
N LEU A 141 -10.22 -3.42 5.00
CA LEU A 141 -8.85 -3.39 5.46
C LEU A 141 -8.17 -2.13 4.90
N SER A 142 -8.35 -1.92 3.60
CA SER A 142 -7.69 -0.79 2.95
C SER A 142 -8.14 0.54 3.55
N GLY A 143 -9.45 0.73 3.65
CA GLY A 143 -9.99 1.96 4.20
C GLY A 143 -9.60 2.20 5.65
N GLU A 144 -9.61 1.13 6.44
CA GLU A 144 -9.31 1.24 7.87
C GLU A 144 -7.83 1.58 8.10
N MET A 145 -6.96 0.94 7.34
CA MET A 145 -5.53 1.20 7.45
C MET A 145 -5.21 2.61 6.96
N ALA A 146 -5.83 3.02 5.85
CA ALA A 146 -5.65 4.37 5.32
C ALA A 146 -6.09 5.40 6.36
N SER A 147 -7.27 5.18 6.95
CA SER A 147 -7.81 6.09 7.96
C SER A 147 -6.86 6.30 9.13
N SER A 148 -6.34 5.19 9.66
CA SER A 148 -5.40 5.26 10.78
C SER A 148 -4.15 6.04 10.40
N PHE A 149 -3.64 5.78 9.20
CA PHE A 149 -2.45 6.46 8.71
C PHE A 149 -2.70 7.97 8.58
N VAL A 150 -3.78 8.34 7.89
CA VAL A 150 -4.12 9.74 7.71
C VAL A 150 -4.20 10.50 9.05
N LYS A 151 -4.86 9.89 10.03
CA LYS A 151 -5.00 10.52 11.35
C LYS A 151 -3.64 10.80 11.98
N GLY A 152 -2.72 9.85 11.84
CA GLY A 152 -1.38 10.01 12.38
C GLY A 152 -0.65 11.17 11.72
N VAL A 153 -0.72 11.22 10.40
CA VAL A 153 -0.07 12.29 9.63
C VAL A 153 -0.62 13.66 10.03
N GLN A 154 -1.93 13.76 10.10
CA GLN A 154 -2.58 15.06 10.27
C GLN A 154 -2.63 15.52 11.73
N SER A 155 -2.19 14.66 12.64
CA SER A 155 -2.04 15.06 14.03
C SER A 155 -0.76 15.89 14.14
N GLN A 156 -0.01 15.97 13.04
CA GLN A 156 1.26 16.67 13.02
C GLN A 156 1.18 18.03 12.31
N GLY A 157 -0.03 18.51 12.11
CA GLY A 157 -0.25 19.82 11.55
C GLY A 157 -0.05 19.92 10.04
N VAL A 158 0.15 18.77 9.41
CA VAL A 158 0.32 18.70 7.97
C VAL A 158 -0.80 17.88 7.36
N GLY A 159 -0.88 17.88 6.04
CA GLY A 159 -1.98 17.22 5.36
C GLY A 159 -1.57 15.94 4.67
N ALA A 160 -2.49 14.98 4.65
CA ALA A 160 -2.33 13.78 3.85
C ALA A 160 -3.12 13.90 2.54
N CYS A 161 -2.87 12.97 1.63
CA CYS A 161 -3.58 12.93 0.36
C CYS A 161 -3.80 11.49 -0.09
N ILE A 162 -5.04 11.03 0.01
CA ILE A 162 -5.36 9.67 -0.41
C ILE A 162 -5.41 9.57 -1.93
N LYS A 163 -4.83 8.51 -2.47
CA LYS A 163 -4.71 8.34 -3.92
C LYS A 163 -4.80 6.86 -4.24
N HIS A 164 -5.12 6.50 -5.50
CA HIS A 164 -5.52 7.43 -6.56
C HIS A 164 -6.99 7.20 -6.90
N PHE A 165 -7.79 8.26 -6.83
CA PHE A 165 -9.23 8.19 -6.94
C PHE A 165 -9.68 8.27 -8.40
N VAL A 166 -10.15 7.18 -9.01
CA VAL A 166 -10.35 5.87 -8.39
C VAL A 166 -10.08 4.80 -9.46
N ALA A 167 -10.02 3.54 -9.05
CA ALA A 167 -9.86 2.42 -10.00
C ALA A 167 -8.57 2.47 -10.82
N ASN A 168 -7.50 2.97 -10.22
CA ASN A 168 -6.19 2.96 -10.85
C ASN A 168 -5.49 1.65 -10.50
N ASN A 169 -5.91 0.56 -11.14
CA ASN A 169 -5.53 -0.79 -10.71
C ASN A 169 -4.56 -1.50 -11.64
N GLN A 170 -4.01 -0.77 -12.60
CA GLN A 170 -2.94 -1.29 -13.43
C GLN A 170 -2.09 -0.11 -13.86
N GLU A 171 -0.84 -0.39 -14.22
CA GLU A 171 0.06 0.66 -14.69
C GLU A 171 0.03 0.82 -16.21
N THR A 172 -0.22 -0.27 -16.92
CA THR A 172 -0.19 -0.25 -18.38
C THR A 172 -1.17 0.78 -18.96
N ASN A 173 -0.62 1.78 -19.64
CA ASN A 173 -1.41 2.83 -20.26
C ASN A 173 -2.35 3.53 -19.28
N ARG A 174 -1.91 3.69 -18.04
CA ARG A 174 -2.74 4.30 -17.00
C ARG A 174 -3.23 5.70 -17.37
N MET A 175 -2.42 6.43 -18.14
CA MET A 175 -2.73 7.82 -18.45
C MET A 175 -3.80 7.93 -19.54
N VAL A 176 -4.19 6.79 -20.09
CA VAL A 176 -5.03 6.77 -21.28
C VAL A 176 -6.18 5.75 -21.23
N VAL A 177 -6.00 4.68 -20.47
CA VAL A 177 -6.93 3.55 -20.52
C VAL A 177 -8.33 3.88 -19.96
N ASP A 178 -9.35 3.42 -20.66
CA ASP A 178 -10.73 3.58 -20.18
C ASP A 178 -11.11 2.40 -19.31
N THR A 179 -11.48 2.68 -18.06
CA THR A 179 -11.74 1.65 -17.08
C THR A 179 -13.25 1.44 -16.96
N ILE A 180 -13.71 0.26 -17.34
CA ILE A 180 -15.13 -0.02 -17.42
C ILE A 180 -15.56 -0.85 -16.23
N VAL A 181 -16.37 -0.23 -15.36
CA VAL A 181 -16.77 -0.85 -14.10
C VAL A 181 -18.23 -0.50 -13.80
N SER A 182 -19.00 -1.48 -13.35
CA SER A 182 -20.38 -1.22 -12.99
C SER A 182 -20.40 -0.34 -11.75
N GLU A 183 -21.49 0.38 -11.54
CA GLU A 183 -21.59 1.20 -10.35
C GLU A 183 -21.56 0.36 -9.07
N ARG A 184 -22.04 -0.87 -9.15
CA ARG A 184 -22.03 -1.74 -7.98
C ARG A 184 -20.61 -2.07 -7.54
N ALA A 185 -19.78 -2.50 -8.49
CA ALA A 185 -18.38 -2.80 -8.18
C ALA A 185 -17.69 -1.56 -7.65
N LEU A 186 -17.99 -0.40 -8.23
CA LEU A 186 -17.43 0.85 -7.75
C LEU A 186 -17.80 1.08 -6.29
N ARG A 187 -19.08 1.02 -5.96
CA ARG A 187 -19.52 1.37 -4.62
C ARG A 187 -19.12 0.34 -3.54
N GLU A 188 -19.12 -0.94 -3.90
CA GLU A 188 -18.79 -1.99 -2.93
C GLU A 188 -17.27 -2.24 -2.79
N ILE A 189 -16.52 -2.01 -3.85
CA ILE A 189 -15.12 -2.40 -3.87
C ILE A 189 -14.13 -1.24 -4.00
N TYR A 190 -14.23 -0.48 -5.09
CA TYR A 190 -13.19 0.49 -5.43
C TYR A 190 -13.35 1.85 -4.76
N LEU A 191 -14.56 2.37 -4.70
CA LEU A 191 -14.81 3.64 -4.02
C LEU A 191 -14.80 3.43 -2.51
N ARG A 192 -15.13 2.21 -2.11
CA ARG A 192 -15.48 1.90 -0.72
C ARG A 192 -14.37 2.22 0.29
N GLY A 193 -13.13 1.90 -0.07
CA GLY A 193 -12.01 2.20 0.81
C GLY A 193 -11.85 3.70 0.97
N PHE A 194 -11.93 4.41 -0.15
CA PHE A 194 -11.84 5.85 -0.13
C PHE A 194 -12.99 6.43 0.69
N GLU A 195 -14.18 5.86 0.54
CA GLU A 195 -15.32 6.33 1.33
C GLU A 195 -15.03 6.23 2.82
N ILE A 196 -14.50 5.08 3.24
CA ILE A 196 -14.17 4.88 4.64
C ILE A 196 -13.13 5.90 5.11
N ALA A 197 -12.09 6.10 4.31
CA ALA A 197 -11.02 7.05 4.64
C ALA A 197 -11.54 8.48 4.73
N VAL A 198 -12.34 8.87 3.74
CA VAL A 198 -12.86 10.23 3.68
C VAL A 198 -13.71 10.55 4.90
N LYS A 199 -14.55 9.60 5.29
CA LYS A 199 -15.51 9.83 6.37
C LYS A 199 -14.90 9.71 7.76
N LYS A 200 -13.91 8.84 7.90
CA LYS A 200 -13.36 8.56 9.23
C LYS A 200 -12.13 9.41 9.56
N SER A 201 -11.36 9.80 8.55
CA SER A 201 -10.09 10.46 8.81
C SER A 201 -9.97 11.86 8.20
N LYS A 202 -10.93 12.22 7.34
CA LYS A 202 -11.00 13.58 6.79
C LYS A 202 -9.67 14.09 6.26
N PRO A 203 -9.13 13.44 5.22
CA PRO A 203 -7.86 13.89 4.65
C PRO A 203 -7.98 15.28 4.06
N TRP A 204 -6.93 16.07 4.17
CA TRP A 204 -6.90 17.40 3.57
C TRP A 204 -7.21 17.34 2.08
N SER A 205 -6.75 16.28 1.43
CA SER A 205 -6.85 16.22 -0.02
C SER A 205 -7.02 14.82 -0.59
N VAL A 206 -7.54 14.79 -1.81
CA VAL A 206 -7.67 13.57 -2.60
C VAL A 206 -6.97 13.81 -3.92
N MET A 207 -6.26 12.80 -4.43
CA MET A 207 -5.67 12.90 -5.75
C MET A 207 -6.47 12.09 -6.76
N SER A 208 -6.93 12.74 -7.83
CA SER A 208 -7.69 12.04 -8.85
C SER A 208 -6.75 11.21 -9.74
N ALA A 209 -7.21 10.05 -10.18
CA ALA A 209 -6.37 9.09 -10.89
C ALA A 209 -6.11 9.47 -12.34
N TYR A 210 -5.08 8.86 -12.93
CA TYR A 210 -4.71 9.04 -14.32
C TYR A 210 -5.77 8.54 -15.29
N ASN A 211 -6.39 7.42 -14.95
CA ASN A 211 -7.24 6.68 -15.90
C ASN A 211 -8.61 7.29 -16.10
N LYS A 212 -9.23 6.93 -17.23
CA LYS A 212 -10.61 7.25 -17.47
C LYS A 212 -11.46 6.22 -16.73
N LEU A 213 -12.60 6.67 -16.22
CA LEU A 213 -13.53 5.76 -15.56
C LEU A 213 -14.85 5.84 -16.32
N ASN A 214 -15.21 4.75 -16.99
CA ASN A 214 -16.44 4.72 -17.78
C ASN A 214 -16.55 5.93 -18.72
N GLY A 215 -15.45 6.21 -19.43
CA GLY A 215 -15.48 7.22 -20.46
C GLY A 215 -14.92 8.59 -20.13
N LYS A 216 -14.76 8.90 -18.84
CA LYS A 216 -14.28 10.22 -18.41
C LYS A 216 -13.06 10.14 -17.51
N TYR A 217 -12.01 10.91 -17.84
CA TYR A 217 -10.88 11.05 -16.93
C TYR A 217 -11.37 11.29 -15.52
N CYS A 218 -10.73 10.63 -14.55
CA CYS A 218 -11.11 10.82 -13.15
C CYS A 218 -10.93 12.29 -12.75
N SER A 219 -9.91 12.94 -13.30
CA SER A 219 -9.65 14.33 -12.98
C SER A 219 -10.67 15.25 -13.64
N GLN A 220 -11.46 14.70 -14.55
CA GLN A 220 -12.48 15.45 -15.27
C GLN A 220 -13.86 14.81 -15.11
N ASN A 221 -14.01 14.04 -14.04
CA ASN A 221 -15.21 13.28 -13.78
C ASN A 221 -16.08 13.91 -12.69
N GLU A 222 -17.14 14.56 -13.12
CA GLU A 222 -18.01 15.29 -12.20
C GLU A 222 -18.78 14.35 -11.27
N TRP A 223 -19.18 13.20 -11.79
CA TRP A 223 -19.87 12.21 -10.96
C TRP A 223 -18.98 11.78 -9.79
N LEU A 224 -17.72 11.51 -10.10
CA LEU A 224 -16.78 11.00 -9.12
C LEU A 224 -16.38 12.07 -8.12
N LEU A 225 -15.99 13.23 -8.61
CA LEU A 225 -15.38 14.26 -7.79
C LEU A 225 -16.40 15.16 -7.11
N LYS A 226 -17.58 15.30 -7.70
CA LYS A 226 -18.61 16.17 -7.14
C LYS A 226 -19.76 15.39 -6.52
N LYS A 227 -20.48 14.63 -7.33
CA LYS A 227 -21.65 13.90 -6.85
C LYS A 227 -21.31 12.96 -5.70
N VAL A 228 -20.33 12.09 -5.92
CA VAL A 228 -19.96 11.09 -4.93
C VAL A 228 -19.13 11.68 -3.79
N LEU A 229 -17.95 12.20 -4.14
CA LEU A 229 -17.00 12.71 -3.15
C LEU A 229 -17.61 13.77 -2.22
N ARG A 230 -18.20 14.80 -2.80
CA ARG A 230 -18.74 15.91 -2.02
C ARG A 230 -20.20 15.76 -1.62
N GLU A 231 -21.08 15.69 -2.61
CA GLU A 231 -22.52 15.68 -2.35
C GLU A 231 -22.94 14.47 -1.50
N GLU A 232 -22.42 13.30 -1.82
CA GLU A 232 -22.74 12.12 -1.03
C GLU A 232 -21.88 12.02 0.22
N TRP A 233 -20.56 11.95 0.04
CA TRP A 233 -19.65 11.64 1.14
C TRP A 233 -19.39 12.81 2.09
N GLY A 234 -19.53 14.03 1.59
CA GLY A 234 -19.33 15.21 2.41
C GLY A 234 -17.88 15.60 2.53
N PHE A 235 -17.07 15.25 1.54
CA PHE A 235 -15.67 15.63 1.53
C PHE A 235 -15.53 17.15 1.70
N GLU A 236 -14.66 17.56 2.61
CA GLU A 236 -14.49 18.99 2.92
C GLU A 236 -13.13 19.53 2.48
N GLY A 237 -12.28 18.68 1.92
CA GLY A 237 -10.95 19.10 1.52
C GLY A 237 -10.93 19.58 0.08
N PHE A 238 -9.77 19.43 -0.57
CA PHE A 238 -9.66 19.76 -1.98
C PHE A 238 -9.10 18.59 -2.79
N VAL A 239 -9.36 18.62 -4.09
CA VAL A 239 -8.92 17.56 -4.99
C VAL A 239 -7.79 18.06 -5.88
N MET A 240 -6.70 17.29 -5.97
CA MET A 240 -5.64 17.61 -6.91
C MET A 240 -5.55 16.54 -8.00
N SER A 241 -4.97 16.89 -9.13
CA SER A 241 -4.81 15.90 -10.20
C SER A 241 -3.53 15.12 -9.98
N ASP A 242 -3.48 13.89 -10.49
CA ASP A 242 -2.20 13.21 -10.54
C ASP A 242 -1.36 13.99 -11.55
N TRP A 243 -0.05 13.80 -11.52
CA TRP A 243 0.87 14.64 -12.27
C TRP A 243 0.68 14.54 -13.78
N TYR A 244 0.17 15.61 -14.38
CA TYR A 244 -0.07 15.68 -15.83
C TYR A 244 -1.32 14.90 -16.28
N ALA A 245 -2.12 14.42 -15.32
CA ALA A 245 -3.32 13.66 -15.69
C ALA A 245 -4.33 14.51 -16.46
N GLY A 246 -5.21 13.86 -17.21
CA GLY A 246 -6.26 14.57 -17.94
C GLY A 246 -5.79 15.21 -19.23
N ASP A 247 -6.67 15.96 -19.88
CA ASP A 247 -6.34 16.64 -21.13
C ASP A 247 -6.98 18.02 -21.28
N ASN A 248 -7.71 18.46 -20.25
CA ASN A 248 -8.47 19.71 -20.34
C ASN A 248 -8.62 20.38 -18.98
N PRO A 249 -7.88 21.47 -18.76
CA PRO A 249 -7.81 22.13 -17.45
C PRO A 249 -9.16 22.69 -17.00
N VAL A 250 -9.94 23.20 -17.95
CA VAL A 250 -11.23 23.80 -17.61
C VAL A 250 -12.26 22.73 -17.25
N GLU A 251 -12.19 21.59 -17.94
CA GLU A 251 -13.02 20.45 -17.59
C GLU A 251 -12.66 19.93 -16.19
N GLN A 252 -11.39 19.99 -15.85
CA GLN A 252 -10.94 19.58 -14.52
C GLN A 252 -11.58 20.43 -13.42
N LEU A 253 -11.56 21.74 -13.60
CA LEU A 253 -12.11 22.64 -12.59
C LEU A 253 -13.62 22.50 -12.46
N LYS A 254 -14.30 22.33 -13.60
CA LYS A 254 -15.74 22.15 -13.61
C LYS A 254 -16.15 20.85 -12.92
N ALA A 255 -15.25 19.88 -12.96
CA ALA A 255 -15.53 18.56 -12.38
C ALA A 255 -15.30 18.52 -10.88
N GLY A 256 -14.61 19.54 -10.35
CA GLY A 256 -14.29 19.58 -8.94
C GLY A 256 -12.85 19.19 -8.62
N ASN A 257 -12.01 19.13 -9.65
CA ASN A 257 -10.58 18.95 -9.46
C ASN A 257 -9.94 20.33 -9.26
N ASP A 258 -9.75 20.71 -8.00
CA ASP A 258 -9.39 22.09 -7.66
C ASP A 258 -7.98 22.50 -8.02
N LEU A 259 -7.03 21.57 -7.89
CA LEU A 259 -5.63 21.91 -8.07
C LEU A 259 -5.01 21.07 -9.17
N ILE A 260 -4.58 21.74 -10.24
CA ILE A 260 -3.99 21.07 -11.39
C ILE A 260 -2.47 20.95 -11.22
N MET A 261 -2.00 19.72 -11.11
CA MET A 261 -0.57 19.47 -10.85
C MET A 261 0.07 18.62 -11.96
N PRO A 262 1.39 18.75 -12.12
CA PRO A 262 2.23 19.69 -11.36
C PRO A 262 2.23 21.08 -12.01
N GLY A 263 1.52 21.21 -13.13
CA GLY A 263 1.52 22.45 -13.88
C GLY A 263 2.50 22.42 -15.04
N LYS A 264 2.31 23.32 -16.00
CA LYS A 264 3.18 23.40 -17.17
C LYS A 264 3.24 22.08 -17.94
N ALA A 265 2.07 21.53 -18.26
CA ALA A 265 1.98 20.26 -18.96
C ALA A 265 2.67 20.30 -20.33
N TYR A 266 2.79 21.48 -20.93
CA TYR A 266 3.46 21.59 -22.21
C TYR A 266 4.91 21.08 -22.16
N GLN A 267 5.51 21.11 -20.97
CA GLN A 267 6.89 20.66 -20.80
C GLN A 267 7.05 19.16 -20.99
N VAL A 268 5.93 18.43 -20.89
CA VAL A 268 5.95 16.98 -21.04
C VAL A 268 5.20 16.51 -22.30
N ASN A 269 4.12 17.20 -22.64
CA ASN A 269 3.31 16.85 -23.80
C ASN A 269 3.10 18.07 -24.71
N THR A 270 3.79 18.07 -25.85
CA THR A 270 3.78 19.19 -26.78
C THR A 270 2.38 19.69 -27.17
N GLU A 271 1.38 18.83 -27.12
CA GLU A 271 0.04 19.20 -27.55
C GLU A 271 -0.80 19.91 -26.47
N ARG A 272 -0.30 19.93 -25.25
CA ARG A 272 -0.98 20.65 -24.18
C ARG A 272 -0.59 22.12 -24.19
N ARG A 273 -1.56 22.99 -23.94
CA ARG A 273 -1.28 24.42 -23.76
C ARG A 273 -0.87 24.68 -22.32
N ASP A 274 -0.31 25.85 -22.07
CA ASP A 274 -0.10 26.31 -20.71
C ASP A 274 -1.48 26.43 -20.10
N GLU A 275 -1.69 25.79 -18.94
CA GLU A 275 -3.03 25.74 -18.35
C GLU A 275 -3.54 27.11 -17.89
N ILE A 276 -2.65 27.95 -17.37
CA ILE A 276 -3.06 29.29 -16.98
C ILE A 276 -3.62 30.07 -18.17
N GLU A 277 -2.94 29.99 -19.31
CA GLU A 277 -3.40 30.66 -20.52
C GLU A 277 -4.74 30.10 -20.99
N GLU A 278 -4.90 28.79 -20.94
CA GLU A 278 -6.14 28.16 -21.37
C GLU A 278 -7.30 28.53 -20.45
N ILE A 279 -7.07 28.47 -19.14
CA ILE A 279 -8.09 28.85 -18.17
C ILE A 279 -8.48 30.34 -18.30
N MET A 280 -7.47 31.20 -18.44
CA MET A 280 -7.74 32.64 -18.61
C MET A 280 -8.61 32.88 -19.84
N GLU A 281 -8.30 32.19 -20.94
CA GLU A 281 -9.07 32.32 -22.17
C GLU A 281 -10.51 31.85 -21.97
N ALA A 282 -10.67 30.73 -21.28
CA ALA A 282 -11.98 30.15 -20.99
C ALA A 282 -12.83 31.12 -20.18
N LEU A 283 -12.21 31.80 -19.21
CA LEU A 283 -12.91 32.78 -18.41
C LEU A 283 -13.33 33.97 -19.27
N LYS A 284 -12.46 34.39 -20.17
CA LYS A 284 -12.73 35.51 -21.06
C LYS A 284 -13.87 35.21 -22.03
N GLU A 285 -13.91 33.96 -22.51
CA GLU A 285 -14.88 33.57 -23.52
C GLU A 285 -16.17 33.02 -22.90
N GLY A 286 -16.20 32.93 -21.58
CA GLY A 286 -17.38 32.44 -20.87
C GLY A 286 -17.59 30.94 -20.98
N LYS A 287 -16.51 30.20 -21.24
CA LYS A 287 -16.56 28.75 -21.17
C LYS A 287 -16.52 28.31 -19.72
N LEU A 288 -16.00 29.20 -18.87
CA LEU A 288 -15.88 28.93 -17.44
C LEU A 288 -16.32 30.15 -16.65
N SER A 289 -17.16 29.93 -15.64
CA SER A 289 -17.66 31.04 -14.82
C SER A 289 -16.71 31.30 -13.66
N GLU A 290 -16.65 32.56 -13.22
CA GLU A 290 -15.80 32.95 -12.12
C GLU A 290 -16.22 32.25 -10.84
N GLU A 291 -17.50 31.91 -10.74
CA GLU A 291 -18.04 31.25 -9.55
C GLU A 291 -17.47 29.83 -9.39
N VAL A 292 -17.33 29.11 -10.49
CA VAL A 292 -16.68 27.80 -10.45
C VAL A 292 -15.23 27.96 -9.97
N LEU A 293 -14.54 28.93 -10.55
CA LEU A 293 -13.17 29.23 -10.15
C LEU A 293 -13.10 29.54 -8.65
N ASP A 294 -14.00 30.40 -8.19
CA ASP A 294 -14.04 30.79 -6.78
C ASP A 294 -14.19 29.59 -5.84
N GLU A 295 -15.06 28.65 -6.21
CA GLU A 295 -15.27 27.47 -5.37
C GLU A 295 -14.02 26.62 -5.30
N CYS A 296 -13.33 26.46 -6.43
CA CYS A 296 -12.09 25.69 -6.46
C CYS A 296 -11.02 26.35 -5.59
N VAL A 297 -10.85 27.65 -5.75
CA VAL A 297 -9.91 28.41 -4.94
C VAL A 297 -10.25 28.30 -3.45
N ARG A 298 -11.54 28.38 -3.13
CA ARG A 298 -11.98 28.31 -1.74
C ARG A 298 -11.75 26.93 -1.15
N ASN A 299 -11.92 25.89 -1.96
CA ASN A 299 -11.67 24.52 -1.51
C ASN A 299 -10.20 24.33 -1.14
N ILE A 300 -9.32 24.93 -1.90
CA ILE A 300 -7.88 24.85 -1.65
C ILE A 300 -7.51 25.65 -0.40
N LEU A 301 -7.97 26.89 -0.33
CA LEU A 301 -7.60 27.78 0.77
C LEU A 301 -8.18 27.34 2.11
N LYS A 302 -9.41 26.85 2.11
CA LYS A 302 -10.05 26.47 3.37
C LYS A 302 -9.22 25.39 4.05
N VAL A 303 -8.52 24.60 3.25
CA VAL A 303 -7.63 23.57 3.77
C VAL A 303 -6.26 24.14 4.11
N LEU A 304 -5.65 24.83 3.15
CA LEU A 304 -4.25 25.20 3.26
C LEU A 304 -3.93 26.37 4.20
N VAL A 305 -4.94 27.12 4.62
CA VAL A 305 -4.71 28.17 5.61
C VAL A 305 -4.31 27.54 6.94
N ASN A 306 -4.51 26.22 7.05
CA ASN A 306 -4.08 25.49 8.24
C ASN A 306 -2.72 24.84 8.05
N ALA A 307 -2.13 25.02 6.86
CA ALA A 307 -0.81 24.45 6.59
C ALA A 307 0.25 25.27 7.28
N PRO A 308 1.36 24.62 7.66
CA PRO A 308 2.43 25.32 8.35
C PRO A 308 2.95 26.52 7.55
N SER A 309 3.10 26.36 6.24
CA SER A 309 3.63 27.43 5.40
C SER A 309 2.78 28.71 5.49
N PHE A 310 1.49 28.56 5.71
CA PHE A 310 0.62 29.73 5.80
C PHE A 310 0.94 30.54 7.05
N LYS A 311 1.42 29.87 8.08
CA LYS A 311 1.80 30.56 9.31
C LYS A 311 3.31 30.72 9.46
N ASN A 312 4.02 30.65 8.34
CA ASN A 312 5.45 30.91 8.32
C ASN A 312 6.21 30.07 9.34
N TYR A 313 5.76 28.83 9.52
CA TYR A 313 6.35 27.93 10.50
C TYR A 313 7.83 27.68 10.24
N ARG A 314 8.65 28.02 11.22
CA ARG A 314 10.09 27.77 11.13
C ARG A 314 10.39 26.29 11.35
N TYR A 315 10.46 25.52 10.26
CA TYR A 315 10.80 24.11 10.36
C TYR A 315 12.28 23.91 10.67
N SER A 316 12.58 22.88 11.45
CA SER A 316 13.92 22.68 12.00
C SER A 316 14.91 22.02 11.03
N ASN A 317 14.38 21.28 10.07
CA ASN A 317 15.21 20.47 9.18
C ASN A 317 15.93 19.35 9.94
N LYS A 318 15.46 19.07 11.15
CA LYS A 318 16.07 18.02 11.98
C LYS A 318 15.04 17.21 12.77
N PRO A 319 14.27 16.36 12.07
CA PRO A 319 13.32 15.45 12.69
C PRO A 319 14.04 14.36 13.46
N ASP A 320 13.40 13.77 14.46
CA ASP A 320 14.04 12.74 15.27
C ASP A 320 14.08 11.42 14.50
N LEU A 321 15.10 11.24 13.67
CA LEU A 321 15.21 10.05 12.82
C LEU A 321 15.36 8.78 13.65
N GLU A 322 16.18 8.83 14.69
CA GLU A 322 16.40 7.66 15.53
C GLU A 322 15.10 7.14 16.13
N LYS A 323 14.25 8.06 16.59
CA LYS A 323 12.95 7.69 17.13
C LYS A 323 12.06 7.12 16.02
N HIS A 324 12.23 7.63 14.81
CA HIS A 324 11.42 7.19 13.69
C HIS A 324 11.88 5.83 13.17
N ALA A 325 13.17 5.56 13.27
CA ALA A 325 13.73 4.27 12.88
C ALA A 325 13.12 3.15 13.72
N LYS A 326 12.89 3.44 14.99
CA LYS A 326 12.27 2.46 15.88
C LYS A 326 10.87 2.12 15.42
N VAL A 327 10.09 3.15 15.12
CA VAL A 327 8.73 2.95 14.62
C VAL A 327 8.76 2.11 13.34
N ALA A 328 9.71 2.41 12.45
CA ALA A 328 9.87 1.66 11.21
C ALA A 328 10.14 0.17 11.51
N TYR A 329 10.94 -0.09 12.54
CA TYR A 329 11.27 -1.46 12.92
C TYR A 329 10.02 -2.18 13.41
N GLU A 330 9.26 -1.53 14.29
CA GLU A 330 8.03 -2.09 14.84
C GLU A 330 7.05 -2.45 13.73
N ALA A 331 6.93 -1.57 12.73
CA ALA A 331 5.98 -1.79 11.64
C ALA A 331 6.37 -3.02 10.84
N GLY A 332 7.63 -3.11 10.46
CA GLY A 332 8.11 -4.26 9.71
C GLY A 332 8.00 -5.53 10.53
N ALA A 333 8.23 -5.41 11.83
CA ALA A 333 8.18 -6.56 12.73
C ALA A 333 6.79 -7.19 12.78
N GLU A 334 5.75 -6.36 12.72
CA GLU A 334 4.38 -6.86 12.80
C GLU A 334 3.80 -7.17 11.42
N GLY A 335 4.58 -6.89 10.38
CA GLY A 335 4.10 -7.04 9.01
C GLY A 335 4.65 -8.25 8.28
N VAL A 336 5.70 -8.86 8.83
CA VAL A 336 6.20 -10.12 8.29
C VAL A 336 5.11 -11.18 8.41
N VAL A 337 4.92 -11.96 7.36
CA VAL A 337 3.94 -13.05 7.39
C VAL A 337 4.61 -14.41 7.38
N LEU A 338 4.33 -15.24 8.38
CA LEU A 338 4.82 -16.61 8.40
C LEU A 338 3.85 -17.49 7.62
N LEU A 339 4.30 -17.99 6.48
CA LEU A 339 3.44 -18.78 5.61
C LEU A 339 3.54 -20.27 5.85
N ARG A 340 4.71 -20.73 6.30
CA ARG A 340 4.94 -22.15 6.49
C ARG A 340 5.99 -22.40 7.56
N ASN A 341 5.73 -23.36 8.44
CA ASN A 341 6.66 -23.70 9.49
C ASN A 341 6.48 -25.15 9.94
N GLU A 342 7.21 -26.04 9.28
CA GLU A 342 7.24 -27.44 9.67
C GLU A 342 8.38 -27.66 10.65
N GLU A 343 8.18 -27.21 11.88
CA GLU A 343 9.19 -27.30 12.93
C GLU A 343 10.52 -26.73 12.45
N ALA A 344 10.48 -25.54 11.86
CA ALA A 344 11.68 -24.93 11.29
C ALA A 344 12.10 -23.63 11.97
N LEU A 345 11.12 -22.91 12.51
CA LEU A 345 11.39 -21.61 13.11
C LEU A 345 10.77 -21.50 14.50
N PRO A 346 11.36 -20.67 15.37
CA PRO A 346 12.58 -19.89 15.08
C PRO A 346 13.82 -20.77 15.16
N LEU A 347 14.92 -20.30 14.58
CA LEU A 347 16.17 -21.06 14.56
C LEU A 347 16.73 -21.26 15.97
N SER A 348 17.32 -22.42 16.21
CA SER A 348 17.98 -22.69 17.47
C SER A 348 19.13 -21.70 17.67
N GLU A 349 19.42 -21.38 18.93
CA GLU A 349 20.47 -20.43 19.23
C GLU A 349 21.81 -20.96 18.73
N ASN A 350 22.59 -20.09 18.09
CA ASN A 350 23.93 -20.45 17.59
C ASN A 350 23.92 -21.44 16.43
N SER A 351 22.76 -21.61 15.80
CA SER A 351 22.65 -22.48 14.64
C SER A 351 23.47 -21.92 13.48
N LYS A 352 24.22 -22.79 12.80
CA LYS A 352 25.06 -22.38 11.68
C LYS A 352 24.22 -22.27 10.43
N ILE A 353 24.08 -21.05 9.92
CA ILE A 353 23.20 -20.77 8.79
C ILE A 353 23.97 -20.66 7.48
N ALA A 354 23.54 -21.43 6.49
CA ALA A 354 24.04 -21.27 5.13
C ALA A 354 23.10 -20.35 4.36
N LEU A 355 23.54 -19.10 4.14
CA LEU A 355 22.67 -18.10 3.54
C LEU A 355 22.76 -18.12 2.01
N PHE A 356 21.63 -18.35 1.35
CA PHE A 356 21.59 -18.44 -0.11
C PHE A 356 20.83 -17.27 -0.73
N GLY A 357 21.00 -17.07 -2.02
CA GLY A 357 20.28 -16.03 -2.75
C GLY A 357 21.01 -14.70 -2.77
N THR A 358 21.16 -14.13 -3.95
CA THR A 358 21.86 -12.86 -4.10
C THR A 358 21.12 -11.73 -3.40
N GLY A 359 19.84 -11.96 -3.10
CA GLY A 359 19.03 -10.98 -2.42
C GLY A 359 19.40 -10.78 -0.96
N GLN A 360 20.21 -11.69 -0.44
CA GLN A 360 20.71 -11.57 0.93
C GLN A 360 21.55 -10.31 1.05
N ILE A 361 22.06 -9.87 -0.10
CA ILE A 361 22.92 -8.69 -0.16
C ILE A 361 22.23 -7.58 -0.94
N GLU A 362 21.65 -7.94 -2.09
CA GLU A 362 20.86 -7.00 -2.86
C GLU A 362 19.41 -7.05 -2.37
N THR A 363 19.24 -6.78 -1.07
CA THR A 363 17.94 -6.80 -0.43
C THR A 363 17.06 -5.66 -0.94
N ILE A 364 15.82 -5.98 -1.30
CA ILE A 364 14.89 -4.98 -1.81
C ILE A 364 14.13 -4.33 -0.66
N LYS A 365 14.34 -3.03 -0.47
CA LYS A 365 13.76 -2.32 0.67
C LYS A 365 12.39 -1.74 0.33
N GLY A 366 12.13 -1.58 -0.97
CA GLY A 366 10.88 -1.03 -1.44
C GLY A 366 10.86 -0.97 -2.95
N GLY A 367 9.72 -0.56 -3.51
CA GLY A 367 9.57 -0.47 -4.94
C GLY A 367 10.08 0.84 -5.50
N THR A 368 10.13 0.94 -6.82
CA THR A 368 10.64 2.13 -7.48
C THR A 368 9.53 3.09 -7.91
N GLY A 369 9.91 4.32 -8.21
CA GLY A 369 8.97 5.33 -8.65
C GLY A 369 8.81 6.48 -7.67
N SER A 370 7.67 7.15 -7.73
CA SER A 370 7.41 8.30 -6.86
C SER A 370 7.33 7.86 -5.39
N GLY A 371 7.11 6.57 -5.18
CA GLY A 371 7.00 6.01 -3.84
C GLY A 371 8.31 5.46 -3.29
N ASP A 372 9.42 5.84 -3.91
CA ASP A 372 10.74 5.42 -3.46
C ASP A 372 11.18 6.29 -2.28
N THR A 373 12.35 6.01 -1.72
CA THR A 373 12.89 6.80 -0.60
C THR A 373 14.41 6.81 -0.63
N HIS A 374 15.00 7.77 0.10
CA HIS A 374 16.45 7.87 0.19
C HIS A 374 16.90 7.92 1.65
N PRO A 375 16.97 6.75 2.29
CA PRO A 375 17.36 6.62 3.70
C PRO A 375 18.87 6.79 3.83
N ARG A 376 19.35 7.12 5.03
CA ARG A 376 20.80 7.22 5.22
C ARG A 376 21.43 5.85 5.01
N TYR A 377 20.71 4.81 5.40
CA TYR A 377 21.19 3.45 5.24
C TYR A 377 20.01 2.52 4.95
N ALA A 378 20.32 1.33 4.45
CA ALA A 378 19.33 0.27 4.30
C ALA A 378 20.02 -1.04 4.67
N ILE A 379 19.55 -1.66 5.75
CA ILE A 379 20.18 -2.87 6.25
C ILE A 379 19.79 -4.10 5.44
N SER A 380 20.75 -4.67 4.73
CA SER A 380 20.50 -5.88 3.95
C SER A 380 20.29 -7.05 4.90
N ILE A 381 19.82 -8.17 4.36
CA ILE A 381 19.57 -9.36 5.16
C ILE A 381 20.87 -9.94 5.74
N LEU A 382 21.94 -9.91 4.95
CA LEU A 382 23.23 -10.41 5.42
C LEU A 382 23.75 -9.52 6.55
N GLU A 383 23.75 -8.21 6.30
CA GLU A 383 24.22 -7.24 7.28
C GLU A 383 23.45 -7.35 8.60
N GLY A 384 22.16 -7.63 8.50
CA GLY A 384 21.32 -7.76 9.68
C GLY A 384 21.72 -8.97 10.50
N ILE A 385 21.98 -10.08 9.82
CA ILE A 385 22.44 -11.29 10.48
C ILE A 385 23.82 -11.10 11.10
N LYS A 386 24.68 -10.36 10.42
CA LYS A 386 26.00 -10.04 10.95
C LYS A 386 25.87 -9.21 12.21
N GLU A 387 25.00 -8.21 12.15
CA GLU A 387 24.83 -7.26 13.24
C GLU A 387 24.36 -7.96 14.52
N ARG A 388 23.46 -8.92 14.35
CA ARG A 388 22.89 -9.63 15.48
C ARG A 388 23.85 -10.71 15.97
N GLY A 389 24.98 -10.84 15.28
CA GLY A 389 26.00 -11.80 15.65
C GLY A 389 25.54 -13.24 15.50
N LEU A 390 24.69 -13.49 14.49
CA LEU A 390 24.21 -14.84 14.23
C LEU A 390 25.29 -15.67 13.56
N ASN A 391 25.26 -16.99 13.80
CA ASN A 391 26.26 -17.89 13.25
C ASN A 391 25.95 -18.30 11.82
N PHE A 392 26.68 -17.73 10.87
CA PHE A 392 26.47 -18.02 9.46
C PHE A 392 27.77 -18.47 8.82
N ASP A 393 27.66 -19.04 7.63
CA ASP A 393 28.84 -19.47 6.89
C ASP A 393 29.57 -18.25 6.34
N GLU A 394 30.57 -17.78 7.08
CA GLU A 394 31.33 -16.60 6.69
C GLU A 394 31.96 -16.81 5.33
N GLU A 395 32.41 -18.04 5.09
CA GLU A 395 32.99 -18.42 3.81
C GLU A 395 31.98 -18.18 2.70
N LEU A 396 30.80 -18.76 2.86
CA LEU A 396 29.73 -18.64 1.86
C LEU A 396 29.36 -17.19 1.57
N ALA A 397 29.25 -16.38 2.62
CA ALA A 397 28.89 -14.97 2.46
C ALA A 397 29.91 -14.24 1.57
N LYS A 398 31.19 -14.46 1.85
CA LYS A 398 32.24 -13.85 1.03
C LYS A 398 32.13 -14.28 -0.42
N THR A 399 31.83 -15.56 -0.64
CA THR A 399 31.63 -16.10 -1.97
C THR A 399 30.52 -15.34 -2.69
N TYR A 400 29.43 -15.10 -1.98
CA TYR A 400 28.30 -14.36 -2.55
C TYR A 400 28.68 -12.92 -2.84
N GLU A 401 29.40 -12.30 -1.91
CA GLU A 401 29.85 -10.93 -2.07
C GLU A 401 30.72 -10.78 -3.31
N ASP A 402 31.64 -11.72 -3.50
CA ASP A 402 32.53 -11.69 -4.65
C ASP A 402 31.78 -11.98 -5.95
N TYR A 403 30.79 -12.86 -5.89
CA TYR A 403 30.03 -13.22 -7.08
C TYR A 403 29.19 -12.05 -7.60
N ILE A 404 28.49 -11.38 -6.68
CA ILE A 404 27.68 -10.24 -7.05
C ILE A 404 28.52 -9.12 -7.67
N LYS A 405 29.60 -8.75 -6.99
CA LYS A 405 30.50 -7.71 -7.49
C LYS A 405 31.06 -8.09 -8.87
N LYS A 406 31.42 -9.35 -9.03
CA LYS A 406 31.90 -9.85 -10.31
C LYS A 406 30.83 -9.70 -11.38
N MET A 407 29.58 -10.01 -11.03
CA MET A 407 28.48 -9.95 -11.98
C MET A 407 28.08 -8.52 -12.32
N ARG A 408 27.97 -7.68 -11.30
CA ARG A 408 27.56 -6.29 -11.52
C ARG A 408 28.61 -5.54 -12.33
N GLU A 409 29.76 -6.16 -12.54
CA GLU A 409 30.82 -5.56 -13.33
C GLU A 409 30.64 -5.88 -14.81
N THR A 410 30.08 -7.06 -15.10
CA THR A 410 29.92 -7.51 -16.48
C THR A 410 28.93 -6.65 -17.25
N GLU A 411 29.09 -6.63 -18.56
CA GLU A 411 28.22 -5.86 -19.44
C GLU A 411 26.76 -6.29 -19.32
N GLU A 412 26.54 -7.60 -19.24
CA GLU A 412 25.20 -8.15 -19.26
C GLU A 412 24.41 -7.85 -17.99
N TYR A 413 25.11 -7.75 -16.86
CA TYR A 413 24.45 -7.62 -15.57
C TYR A 413 24.72 -6.31 -14.84
N LYS A 414 25.43 -5.39 -15.47
CA LYS A 414 25.65 -4.08 -14.88
C LYS A 414 24.41 -3.20 -15.07
N PRO A 415 24.15 -2.31 -14.11
CA PRO A 415 22.94 -1.48 -14.11
C PRO A 415 22.88 -0.49 -15.28
N ARG A 416 21.77 -0.48 -16.00
CA ARG A 416 21.56 0.45 -17.09
C ARG A 416 20.46 1.45 -16.74
N ARG A 417 19.83 2.03 -17.76
CA ARG A 417 18.77 3.01 -17.55
C ARG A 417 17.45 2.55 -18.18
N ILE A 423 16.45 3.18 -14.18
CA ILE A 423 17.61 2.55 -13.54
C ILE A 423 17.31 1.10 -13.14
N ILE A 424 17.68 0.17 -14.02
CA ILE A 424 17.37 -1.23 -13.79
C ILE A 424 18.61 -2.08 -13.57
N LYS A 425 18.47 -3.09 -12.70
CA LYS A 425 19.53 -4.06 -12.48
C LYS A 425 19.08 -5.41 -13.04
N PRO A 426 19.69 -5.85 -14.14
CA PRO A 426 19.36 -7.14 -14.74
C PRO A 426 19.37 -8.24 -13.68
N LYS A 427 18.38 -9.13 -13.72
CA LYS A 427 18.27 -10.17 -12.70
C LYS A 427 19.43 -11.17 -12.77
N LEU A 428 20.11 -11.34 -11.63
CA LEU A 428 21.29 -12.20 -11.58
C LEU A 428 20.92 -13.69 -11.52
N PRO A 429 21.75 -14.53 -12.16
CA PRO A 429 21.60 -15.99 -12.08
C PRO A 429 21.84 -16.47 -10.65
N GLU A 430 21.00 -17.37 -10.17
CA GLU A 430 21.06 -17.79 -8.77
C GLU A 430 21.65 -19.19 -8.57
N ASN A 431 21.87 -19.92 -9.66
CA ASN A 431 22.33 -21.29 -9.58
C ASN A 431 23.82 -21.47 -9.88
N PHE A 432 24.65 -20.56 -9.37
CA PHE A 432 26.08 -20.56 -9.69
C PHE A 432 26.89 -21.52 -8.82
N LEU A 433 26.22 -22.24 -7.92
CA LEU A 433 26.90 -23.21 -7.06
C LEU A 433 26.83 -24.61 -7.65
N SER A 434 27.91 -25.36 -7.52
CA SER A 434 27.95 -26.74 -8.00
C SER A 434 27.09 -27.65 -7.14
N GLU A 435 26.56 -28.70 -7.76
CA GLU A 435 25.76 -29.67 -7.04
C GLU A 435 26.55 -30.24 -5.87
N LYS A 436 27.86 -30.40 -6.08
CA LYS A 436 28.74 -30.90 -5.03
C LYS A 436 29.13 -29.82 -4.03
N GLU A 437 29.25 -28.58 -4.51
CA GLU A 437 29.55 -27.45 -3.63
C GLU A 437 28.51 -27.30 -2.53
N ILE A 438 27.24 -27.46 -2.90
CA ILE A 438 26.14 -27.30 -1.94
C ILE A 438 26.08 -28.49 -0.97
N HIS A 439 26.49 -29.66 -1.43
CA HIS A 439 26.61 -30.82 -0.56
C HIS A 439 27.56 -30.49 0.58
N LYS A 440 28.63 -29.78 0.26
CA LYS A 440 29.59 -29.33 1.27
C LYS A 440 28.88 -28.50 2.32
N LEU A 441 28.11 -27.52 1.86
CA LEU A 441 27.39 -26.62 2.77
C LEU A 441 26.45 -27.39 3.69
N ALA A 442 25.80 -28.41 3.15
CA ALA A 442 24.83 -29.19 3.91
C ALA A 442 25.49 -29.92 5.08
N LYS A 443 26.72 -30.37 4.88
CA LYS A 443 27.45 -31.05 5.96
C LYS A 443 27.99 -30.06 6.99
N LYS A 444 28.45 -28.90 6.50
CA LYS A 444 29.05 -27.89 7.38
C LYS A 444 28.05 -27.15 8.26
N ASN A 445 26.89 -26.83 7.70
CA ASN A 445 25.93 -25.98 8.40
C ASN A 445 24.75 -26.73 8.99
N ASP A 446 24.01 -26.05 9.85
CA ASP A 446 22.86 -26.65 10.51
C ASP A 446 21.58 -26.44 9.72
N VAL A 447 21.41 -25.25 9.16
CA VAL A 447 20.20 -24.92 8.41
C VAL A 447 20.51 -24.10 7.17
N ALA A 448 19.61 -24.20 6.18
CA ALA A 448 19.70 -23.39 4.97
C ALA A 448 18.62 -22.31 4.99
N VAL A 449 18.99 -21.11 4.57
CA VAL A 449 18.05 -20.00 4.46
C VAL A 449 18.20 -19.33 3.11
N ILE A 450 17.15 -19.44 2.29
CA ILE A 450 17.21 -19.00 0.90
C ILE A 450 16.41 -17.72 0.70
N VAL A 451 17.05 -16.73 0.09
CA VAL A 451 16.39 -15.45 -0.17
C VAL A 451 15.92 -15.40 -1.61
N ILE A 452 14.62 -15.17 -1.79
CA ILE A 452 14.05 -14.94 -3.11
C ILE A 452 13.59 -13.49 -3.19
N SER A 453 14.14 -12.75 -4.13
CA SER A 453 13.87 -11.31 -4.23
C SER A 453 13.11 -10.92 -5.50
N ARG A 454 12.20 -9.98 -5.34
CA ARG A 454 11.48 -9.38 -6.45
C ARG A 454 11.37 -7.89 -6.23
N ILE A 455 11.45 -7.12 -7.30
CA ILE A 455 11.14 -5.70 -7.20
C ILE A 455 10.18 -5.30 -8.32
N SER A 456 9.42 -4.23 -8.07
CA SER A 456 8.52 -3.69 -9.08
C SER A 456 8.38 -2.20 -8.81
N GLY A 457 7.58 -1.51 -9.61
CA GLY A 457 7.45 -0.09 -9.45
C GLY A 457 6.43 0.59 -10.34
N GLU A 458 6.20 1.87 -10.05
CA GLU A 458 5.33 2.70 -10.84
C GLU A 458 5.72 2.62 -12.32
N GLY A 459 4.73 2.62 -13.21
CA GLY A 459 4.97 2.69 -14.63
C GLY A 459 5.05 1.37 -15.38
N TYR A 460 5.26 0.27 -14.66
CA TYR A 460 5.36 -1.04 -15.30
C TYR A 460 4.51 -2.06 -14.55
N ASP A 461 3.77 -2.88 -15.28
CA ASP A 461 3.09 -4.01 -14.67
C ASP A 461 3.97 -5.25 -14.74
N ARG A 462 3.79 -6.16 -13.79
CA ARG A 462 4.51 -7.43 -13.83
C ARG A 462 3.91 -8.35 -14.89
N LYS A 463 4.63 -9.42 -15.23
CA LYS A 463 4.17 -10.36 -16.24
C LYS A 463 4.05 -11.74 -15.61
N PRO A 464 3.14 -12.56 -16.13
CA PRO A 464 2.93 -13.92 -15.58
C PRO A 464 3.96 -14.87 -16.19
N VAL A 465 5.23 -14.62 -15.92
CA VAL A 465 6.31 -15.41 -16.51
C VAL A 465 7.36 -15.75 -15.47
N LYS A 466 8.29 -16.64 -15.83
CA LYS A 466 9.39 -16.99 -14.96
C LYS A 466 10.28 -15.78 -14.69
N GLY A 467 10.72 -15.63 -13.45
CA GLY A 467 11.56 -14.50 -13.09
C GLY A 467 10.73 -13.35 -12.57
N ASP A 468 9.42 -13.45 -12.74
CA ASP A 468 8.50 -12.45 -12.20
C ASP A 468 7.48 -13.12 -11.29
N PHE A 469 6.26 -13.37 -11.78
CA PHE A 469 5.28 -14.07 -10.96
C PHE A 469 5.73 -15.48 -10.63
N TYR A 470 6.42 -16.12 -11.58
CA TYR A 470 6.91 -17.46 -11.40
C TYR A 470 8.42 -17.44 -11.10
N LEU A 471 8.88 -18.44 -10.37
CA LEU A 471 10.31 -18.57 -10.12
C LEU A 471 11.02 -18.78 -11.46
N SER A 472 12.22 -18.24 -11.57
CA SER A 472 13.07 -18.56 -12.72
C SER A 472 13.60 -19.97 -12.53
N ASP A 473 13.96 -20.63 -13.63
CA ASP A 473 14.47 -21.99 -13.57
C ASP A 473 15.66 -22.12 -12.62
N ASP A 474 16.55 -21.12 -12.66
CA ASP A 474 17.73 -21.12 -11.79
C ASP A 474 17.33 -21.06 -10.32
N GLU A 475 16.28 -20.32 -10.01
CA GLU A 475 15.76 -20.23 -8.65
C GLU A 475 15.16 -21.56 -8.21
N THR A 476 14.43 -22.20 -9.10
CA THR A 476 13.83 -23.50 -8.80
C THR A 476 14.91 -24.55 -8.59
N ASP A 477 15.93 -24.54 -9.44
CA ASP A 477 17.03 -25.48 -9.35
C ASP A 477 17.77 -25.32 -8.03
N LEU A 478 17.95 -24.07 -7.60
CA LEU A 478 18.63 -23.79 -6.35
C LEU A 478 17.85 -24.38 -5.18
N ILE A 479 16.55 -24.13 -5.16
CA ILE A 479 15.71 -24.62 -4.09
C ILE A 479 15.68 -26.15 -4.08
N LYS A 480 15.50 -26.74 -5.25
CA LYS A 480 15.48 -28.20 -5.38
C LYS A 480 16.75 -28.82 -4.83
N THR A 481 17.89 -28.27 -5.24
CA THR A 481 19.19 -28.83 -4.83
C THR A 481 19.45 -28.61 -3.34
N VAL A 482 19.22 -27.38 -2.88
CA VAL A 482 19.44 -27.05 -1.47
C VAL A 482 18.56 -27.92 -0.57
N SER A 483 17.30 -28.05 -0.95
CA SER A 483 16.35 -28.85 -0.18
C SER A 483 16.77 -30.31 -0.11
N ARG A 484 17.16 -30.87 -1.26
CA ARG A 484 17.56 -32.27 -1.30
C ARG A 484 18.78 -32.54 -0.44
N GLU A 485 19.80 -31.69 -0.59
CA GLU A 485 21.06 -31.87 0.12
C GLU A 485 20.88 -31.72 1.63
N PHE A 486 20.12 -30.71 2.04
CA PHE A 486 19.95 -30.46 3.47
C PHE A 486 19.03 -31.48 4.14
N HIS A 487 17.92 -31.80 3.48
CA HIS A 487 17.05 -32.86 3.98
C HIS A 487 17.83 -34.16 4.05
N GLU A 488 18.77 -34.33 3.12
CA GLU A 488 19.65 -35.48 3.11
C GLU A 488 20.36 -35.61 4.46
N GLN A 489 20.82 -34.47 4.99
CA GLN A 489 21.53 -34.44 6.26
C GLN A 489 20.58 -34.37 7.45
N GLY A 490 19.28 -34.41 7.17
CA GLY A 490 18.27 -34.31 8.21
C GLY A 490 18.12 -32.90 8.73
N LYS A 491 18.41 -31.93 7.87
CA LYS A 491 18.40 -30.53 8.26
C LYS A 491 17.29 -29.74 7.56
N LYS A 492 16.90 -28.62 8.15
CA LYS A 492 15.76 -27.83 7.69
C LYS A 492 16.16 -26.71 6.72
N VAL A 493 15.27 -26.41 5.78
CA VAL A 493 15.50 -25.34 4.80
C VAL A 493 14.39 -24.29 4.84
N ILE A 494 14.80 -23.03 4.88
CA ILE A 494 13.87 -21.91 5.01
C ILE A 494 14.01 -20.96 3.84
N VAL A 495 12.88 -20.52 3.30
CA VAL A 495 12.88 -19.53 2.24
C VAL A 495 12.31 -18.21 2.74
N LEU A 496 13.01 -17.12 2.44
CA LEU A 496 12.54 -15.78 2.77
C LEU A 496 12.05 -15.11 1.50
N LEU A 497 10.79 -14.70 1.48
CA LEU A 497 10.21 -14.03 0.32
C LEU A 497 10.34 -12.52 0.43
N ASN A 498 11.36 -11.98 -0.22
CA ASN A 498 11.65 -10.56 -0.22
C ASN A 498 11.01 -9.92 -1.45
N ILE A 499 9.69 -9.86 -1.45
CA ILE A 499 8.92 -9.49 -2.64
C ILE A 499 7.91 -8.39 -2.33
N GLY A 500 7.28 -7.84 -3.38
CA GLY A 500 6.33 -6.76 -3.20
C GLY A 500 4.89 -7.10 -3.56
N SER A 501 4.66 -8.36 -3.95
CA SER A 501 3.35 -8.83 -4.33
C SER A 501 3.40 -10.35 -4.54
N PRO A 502 2.24 -10.99 -4.67
CA PRO A 502 2.25 -12.46 -4.68
C PRO A 502 3.09 -13.07 -5.81
N VAL A 503 3.72 -14.20 -5.51
CA VAL A 503 4.39 -15.01 -6.51
C VAL A 503 3.90 -16.45 -6.38
N GLU A 504 4.17 -17.26 -7.40
CA GLU A 504 3.82 -18.68 -7.37
C GLU A 504 4.59 -19.37 -6.23
N VAL A 505 3.89 -20.21 -5.47
CA VAL A 505 4.52 -20.91 -4.33
C VAL A 505 4.23 -22.40 -4.33
N VAL A 506 3.10 -22.78 -4.92
CA VAL A 506 2.64 -24.17 -4.89
C VAL A 506 3.68 -25.17 -5.42
N SER A 507 4.45 -24.75 -6.41
CA SER A 507 5.36 -25.65 -7.09
C SER A 507 6.56 -26.05 -6.23
N TRP A 508 6.93 -25.20 -5.28
CA TRP A 508 8.18 -25.41 -4.54
C TRP A 508 8.01 -25.43 -3.02
N ARG A 509 6.85 -25.00 -2.53
CA ARG A 509 6.67 -24.87 -1.10
C ARG A 509 6.78 -26.18 -0.33
N ASP A 510 6.35 -27.28 -0.93
CA ASP A 510 6.41 -28.59 -0.27
C ASP A 510 7.85 -29.13 -0.19
N LEU A 511 8.79 -28.39 -0.76
CA LEU A 511 10.18 -28.81 -0.77
C LEU A 511 10.94 -28.21 0.42
N VAL A 512 10.38 -27.18 1.05
CA VAL A 512 11.06 -26.54 2.16
C VAL A 512 10.23 -26.67 3.44
N ASP A 513 10.82 -26.27 4.55
CA ASP A 513 10.20 -26.45 5.85
C ASP A 513 9.65 -25.15 6.42
N GLY A 514 10.30 -24.04 6.07
CA GLY A 514 9.87 -22.75 6.55
C GLY A 514 9.76 -21.74 5.42
N ILE A 515 8.73 -20.89 5.49
CA ILE A 515 8.61 -19.79 4.55
C ILE A 515 8.18 -18.52 5.26
N LEU A 516 9.04 -17.52 5.22
CA LEU A 516 8.77 -16.22 5.82
C LEU A 516 8.57 -15.20 4.72
N LEU A 517 7.38 -14.61 4.68
CA LEU A 517 7.12 -13.51 3.76
C LEU A 517 7.62 -12.21 4.36
N VAL A 518 8.78 -11.76 3.90
CA VAL A 518 9.46 -10.61 4.47
C VAL A 518 9.09 -9.32 3.74
N TRP A 519 8.38 -9.46 2.64
CA TRP A 519 7.99 -8.32 1.82
C TRP A 519 9.20 -7.44 1.52
N GLN A 520 8.99 -6.12 1.57
CA GLN A 520 10.05 -5.13 1.42
C GLN A 520 9.93 -4.16 2.59
N ALA A 521 10.85 -4.27 3.55
CA ALA A 521 10.65 -3.68 4.86
C ALA A 521 11.42 -2.41 5.16
N GLY A 522 11.81 -1.68 4.12
CA GLY A 522 12.47 -0.40 4.30
C GLY A 522 13.88 -0.50 4.87
N GLN A 523 14.34 0.57 5.51
CA GLN A 523 15.72 0.66 5.96
C GLN A 523 16.11 -0.39 7.00
N GLU A 524 15.16 -0.83 7.80
CA GLU A 524 15.44 -1.75 8.90
C GLU A 524 15.33 -3.23 8.54
N THR A 525 15.05 -3.51 7.27
CA THR A 525 14.76 -4.88 6.81
C THR A 525 15.62 -5.96 7.46
N GLY A 526 16.95 -5.84 7.31
CA GLY A 526 17.86 -6.86 7.79
C GLY A 526 17.73 -7.14 9.27
N ARG A 527 17.47 -6.10 10.05
CA ARG A 527 17.35 -6.21 11.49
C ARG A 527 16.06 -6.93 11.86
N ILE A 528 14.98 -6.58 11.17
CA ILE A 528 13.70 -7.23 11.36
C ILE A 528 13.79 -8.72 11.03
N VAL A 529 14.37 -9.02 9.87
CA VAL A 529 14.50 -10.40 9.40
C VAL A 529 15.29 -11.26 10.39
N ALA A 530 16.44 -10.74 10.80
CA ALA A 530 17.28 -11.44 11.77
C ALA A 530 16.50 -11.73 13.05
N ASP A 531 15.80 -10.71 13.54
CA ASP A 531 15.06 -10.85 14.80
C ASP A 531 13.86 -11.81 14.67
N VAL A 532 13.24 -11.85 13.50
CA VAL A 532 12.18 -12.82 13.24
C VAL A 532 12.77 -14.23 13.22
N LEU A 533 13.93 -14.38 12.60
CA LEU A 533 14.58 -15.68 12.48
C LEU A 533 14.96 -16.28 13.84
N THR A 534 15.41 -15.44 14.76
CA THR A 534 15.85 -15.91 16.06
C THR A 534 14.67 -16.15 16.99
N GLY A 535 13.55 -15.50 16.68
CA GLY A 535 12.36 -15.62 17.50
C GLY A 535 12.24 -14.47 18.48
N ARG A 536 13.15 -13.50 18.37
CA ARG A 536 13.03 -12.28 19.13
C ARG A 536 11.72 -11.60 18.75
N ILE A 537 11.37 -11.71 17.47
CA ILE A 537 10.05 -11.29 17.01
C ILE A 537 9.20 -12.51 16.72
N ASN A 538 7.97 -12.50 17.23
CA ASN A 538 7.03 -13.55 16.88
C ASN A 538 6.10 -13.06 15.78
N PRO A 539 6.26 -13.60 14.56
CA PRO A 539 5.42 -13.23 13.41
C PRO A 539 3.95 -13.08 13.78
N SER A 540 3.38 -11.92 13.50
CA SER A 540 1.97 -11.67 13.75
C SER A 540 1.26 -11.10 12.52
N GLY A 541 1.95 -11.06 11.37
CA GLY A 541 1.36 -10.57 10.14
C GLY A 541 0.42 -11.56 9.48
N LYS A 542 -0.55 -11.05 8.72
CA LYS A 542 -1.43 -11.90 7.92
C LYS A 542 -1.71 -11.28 6.55
N LEU A 543 -1.86 -12.12 5.54
CA LEU A 543 -2.01 -11.62 4.16
C LEU A 543 -3.17 -10.64 4.01
N PRO A 544 -2.91 -9.50 3.33
CA PRO A 544 -3.96 -8.55 2.99
C PRO A 544 -4.39 -8.79 1.55
N THR A 545 -3.93 -9.88 0.96
CA THR A 545 -4.16 -10.18 -0.44
C THR A 545 -4.05 -11.69 -0.66
N THR A 546 -4.77 -12.20 -1.64
CA THR A 546 -4.80 -13.64 -1.92
C THR A 546 -3.58 -14.07 -2.74
N PHE A 547 -2.97 -15.19 -2.35
CA PHE A 547 -1.92 -15.84 -3.15
C PHE A 547 -2.54 -16.98 -3.97
N PRO A 548 -2.70 -16.77 -5.29
CA PRO A 548 -3.35 -17.78 -6.15
C PRO A 548 -2.43 -18.97 -6.40
N ARG A 549 -2.99 -20.17 -6.53
CA ARG A 549 -2.18 -21.34 -6.87
C ARG A 549 -1.44 -21.10 -8.18
N ASP A 550 -2.13 -20.51 -9.15
CA ASP A 550 -1.53 -20.18 -10.44
C ASP A 550 -2.14 -18.88 -10.96
N TYR A 551 -1.44 -18.17 -11.82
CA TYR A 551 -1.95 -16.89 -12.30
C TYR A 551 -3.28 -17.06 -13.03
N SER A 552 -3.47 -18.19 -13.70
CA SER A 552 -4.67 -18.41 -14.48
C SER A 552 -5.92 -18.50 -13.58
N ASP A 553 -5.74 -18.66 -12.28
CA ASP A 553 -6.88 -18.74 -11.36
C ASP A 553 -7.43 -17.36 -11.04
N VAL A 554 -6.63 -16.33 -11.29
CA VAL A 554 -7.00 -14.95 -10.97
C VAL A 554 -8.23 -14.53 -11.78
N PRO A 555 -9.26 -14.02 -11.09
CA PRO A 555 -10.55 -13.67 -11.71
C PRO A 555 -10.52 -12.40 -12.57
N SER A 556 -9.57 -11.52 -12.33
CA SER A 556 -9.42 -10.30 -13.13
C SER A 556 -8.63 -10.60 -14.41
N TRP A 557 -9.15 -11.55 -15.18
CA TRP A 557 -8.47 -12.04 -16.38
C TRP A 557 -8.31 -11.00 -17.50
N THR A 558 -9.15 -9.96 -17.50
CA THR A 558 -9.09 -8.97 -18.59
C THR A 558 -7.82 -8.09 -18.54
N PHE A 559 -7.22 -8.00 -17.35
CA PHE A 559 -5.95 -7.30 -17.16
C PHE A 559 -4.95 -7.71 -18.23
N PRO A 560 -4.31 -6.74 -18.91
CA PRO A 560 -4.35 -5.28 -18.71
C PRO A 560 -5.27 -4.55 -19.69
N GLY A 561 -6.19 -5.27 -20.32
CA GLY A 561 -7.15 -4.64 -21.22
C GLY A 561 -6.94 -4.98 -22.69
N GLU A 562 -7.61 -4.23 -23.56
CA GLU A 562 -7.57 -4.51 -24.99
C GLU A 562 -7.31 -3.24 -25.79
N PRO A 563 -6.50 -3.35 -26.85
CA PRO A 563 -5.79 -4.59 -27.16
C PRO A 563 -4.61 -4.80 -26.22
N LYS A 564 -4.31 -6.06 -25.92
CA LYS A 564 -3.34 -6.42 -24.90
C LYS A 564 -2.05 -5.60 -24.94
N ASP A 565 -1.49 -5.43 -26.13
CA ASP A 565 -0.19 -4.78 -26.27
C ASP A 565 -0.26 -3.26 -26.15
N ASN A 566 -1.46 -2.71 -26.25
CA ASN A 566 -1.64 -1.26 -26.19
C ASN A 566 -3.04 -0.91 -25.72
N PRO A 567 -3.38 -1.31 -24.48
CA PRO A 567 -4.75 -1.25 -23.99
C PRO A 567 -5.37 0.14 -24.05
N GLN A 568 -6.55 0.24 -24.68
CA GLN A 568 -7.31 1.48 -24.67
C GLN A 568 -8.48 1.35 -23.70
N LYS A 569 -8.83 0.11 -23.36
CA LYS A 569 -9.87 -0.11 -22.37
C LYS A 569 -9.69 -1.44 -21.64
N VAL A 570 -10.22 -1.50 -20.43
CA VAL A 570 -10.21 -2.71 -19.65
C VAL A 570 -11.53 -2.81 -18.92
N VAL A 571 -12.19 -3.97 -19.03
CA VAL A 571 -13.50 -4.15 -18.42
C VAL A 571 -13.37 -5.03 -17.19
N TYR A 572 -13.93 -4.58 -16.07
CA TYR A 572 -13.86 -5.37 -14.85
C TYR A 572 -14.98 -6.41 -14.88
N GLU A 573 -14.78 -7.47 -15.66
CA GLU A 573 -15.81 -8.49 -15.85
C GLU A 573 -16.14 -9.19 -14.53
N GLU A 574 -15.14 -9.34 -13.67
CA GLU A 574 -15.33 -10.05 -12.41
C GLU A 574 -16.14 -9.21 -11.42
N ASP A 575 -16.17 -7.90 -11.65
CA ASP A 575 -17.06 -7.02 -10.88
C ASP A 575 -16.73 -7.07 -9.39
N ILE A 576 -17.74 -7.24 -8.54
CA ILE A 576 -17.51 -7.28 -7.09
C ILE A 576 -16.75 -8.53 -6.65
N TYR A 577 -16.68 -9.54 -7.51
CA TYR A 577 -16.00 -10.77 -7.15
C TYR A 577 -14.51 -10.69 -7.44
N VAL A 578 -13.82 -9.89 -6.63
CA VAL A 578 -12.38 -9.70 -6.75
C VAL A 578 -11.71 -10.17 -5.46
N GLY A 579 -10.47 -10.66 -5.57
CA GLY A 579 -9.80 -11.21 -4.42
C GLY A 579 -10.63 -12.33 -3.81
N TYR A 580 -10.59 -12.44 -2.49
CA TYR A 580 -11.22 -13.57 -1.80
C TYR A 580 -12.72 -13.70 -2.06
N ARG A 581 -13.38 -12.60 -2.41
CA ARG A 581 -14.79 -12.66 -2.77
C ARG A 581 -15.01 -13.63 -3.93
N TYR A 582 -14.07 -13.69 -4.86
CA TYR A 582 -14.17 -14.63 -5.97
C TYR A 582 -13.90 -16.07 -5.53
N TYR A 583 -12.76 -16.28 -4.85
CA TYR A 583 -12.31 -17.61 -4.48
C TYR A 583 -13.30 -18.33 -3.56
N ASP A 584 -13.90 -17.59 -2.63
CA ASP A 584 -14.90 -18.16 -1.73
C ASP A 584 -16.19 -18.47 -2.47
N THR A 585 -16.65 -17.52 -3.27
CA THR A 585 -17.95 -17.61 -3.89
C THR A 585 -18.03 -18.75 -4.92
N PHE A 586 -16.95 -18.93 -5.69
CA PHE A 586 -16.99 -19.90 -6.78
C PHE A 586 -16.10 -21.13 -6.55
N GLY A 587 -15.59 -21.28 -5.32
CA GLY A 587 -14.93 -22.49 -4.91
C GLY A 587 -13.58 -22.72 -5.56
N VAL A 588 -12.85 -21.65 -5.80
CA VAL A 588 -11.49 -21.77 -6.28
C VAL A 588 -10.53 -21.64 -5.09
N GLU A 589 -9.65 -22.62 -4.93
CA GLU A 589 -8.75 -22.68 -3.79
C GLU A 589 -7.46 -21.90 -4.04
N PRO A 590 -7.15 -20.96 -3.14
CA PRO A 590 -5.94 -20.16 -3.27
C PRO A 590 -4.75 -20.95 -2.77
N ALA A 591 -3.54 -20.52 -3.08
CA ALA A 591 -2.35 -21.12 -2.49
C ALA A 591 -2.33 -20.78 -1.00
N TYR A 592 -2.47 -19.49 -0.69
CA TYR A 592 -2.65 -18.99 0.66
C TYR A 592 -3.74 -17.93 0.63
N GLU A 593 -4.72 -18.06 1.50
CA GLU A 593 -5.90 -17.20 1.46
C GLU A 593 -5.72 -15.84 2.11
N PHE A 594 -6.56 -14.90 1.71
CA PHE A 594 -6.68 -13.60 2.36
C PHE A 594 -6.80 -13.81 3.89
N GLY A 595 -6.01 -13.06 4.64
CA GLY A 595 -6.05 -13.12 6.10
C GLY A 595 -5.23 -14.25 6.72
N TYR A 596 -4.50 -14.99 5.90
CA TYR A 596 -3.70 -16.11 6.38
C TYR A 596 -2.36 -15.67 6.95
N GLY A 597 -1.98 -16.26 8.08
CA GLY A 597 -0.68 -16.03 8.69
C GLY A 597 -0.46 -16.90 9.92
N LEU A 598 0.73 -17.46 10.05
CA LEU A 598 1.03 -18.35 11.17
C LEU A 598 1.76 -17.61 12.29
N SER A 599 2.00 -18.32 13.39
CA SER A 599 2.64 -17.75 14.57
C SER A 599 3.56 -18.76 15.24
N TYR A 600 4.51 -18.28 16.03
CA TYR A 600 5.38 -19.17 16.78
C TYR A 600 4.65 -19.74 18.00
N THR A 601 3.44 -19.24 18.24
CA THR A 601 2.62 -19.75 19.35
C THR A 601 1.23 -20.09 18.83
N THR A 602 0.34 -20.51 19.72
CA THR A 602 -1.02 -20.85 19.32
C THR A 602 -2.02 -19.99 20.08
N PHE A 603 -3.21 -19.83 19.51
CA PHE A 603 -4.28 -19.06 20.15
C PHE A 603 -5.59 -19.83 20.10
N GLU A 604 -6.37 -19.72 21.17
CA GLU A 604 -7.68 -20.35 21.23
C GLU A 604 -8.76 -19.27 21.27
N TYR A 605 -9.74 -19.38 20.38
CA TYR A 605 -10.86 -18.45 20.32
C TYR A 605 -12.03 -19.00 21.11
N SER A 606 -12.71 -18.17 21.90
CA SER A 606 -13.84 -18.65 22.69
C SER A 606 -14.84 -17.55 23.06
N ASP A 607 -15.93 -17.96 23.70
CA ASP A 607 -16.87 -17.03 24.33
C ASP A 607 -17.49 -16.05 23.35
N LEU A 608 -17.98 -16.54 22.22
CA LEU A 608 -18.62 -15.67 21.25
C LEU A 608 -19.96 -15.16 21.76
N ASN A 609 -20.15 -13.85 21.69
CA ASN A 609 -21.48 -13.29 21.89
C ASN A 609 -21.82 -12.31 20.78
N VAL A 610 -22.92 -12.58 20.10
CA VAL A 610 -23.40 -11.75 19.02
C VAL A 610 -24.73 -11.12 19.42
N SER A 611 -24.85 -9.82 19.19
CA SER A 611 -26.11 -9.13 19.44
C SER A 611 -26.31 -8.01 18.42
N PHE A 612 -27.56 -7.73 18.11
CA PHE A 612 -27.91 -6.71 17.14
C PHE A 612 -29.15 -5.99 17.66
N ASP A 613 -29.06 -4.67 17.79
CA ASP A 613 -30.15 -3.89 18.36
C ASP A 613 -30.95 -3.16 17.29
N GLY A 614 -30.71 -3.52 16.03
CA GLY A 614 -31.38 -2.89 14.91
C GLY A 614 -30.54 -1.79 14.29
N GLU A 615 -29.50 -1.36 15.00
CA GLU A 615 -28.67 -0.26 14.56
C GLU A 615 -27.19 -0.60 14.60
N THR A 616 -26.82 -1.47 15.54
CA THR A 616 -25.43 -1.85 15.73
C THR A 616 -25.32 -3.34 15.90
N LEU A 617 -24.39 -3.95 15.17
CA LEU A 617 -24.04 -5.34 15.39
C LEU A 617 -22.84 -5.38 16.33
N ARG A 618 -23.01 -6.06 17.47
CA ARG A 618 -21.94 -6.16 18.44
C ARG A 618 -21.40 -7.59 18.49
N VAL A 619 -20.11 -7.76 18.22
CA VAL A 619 -19.48 -9.07 18.28
C VAL A 619 -18.37 -9.11 19.33
N GLN A 620 -18.51 -10.03 20.27
CA GLN A 620 -17.53 -10.18 21.33
C GLN A 620 -17.00 -11.61 21.37
N TYR A 621 -15.72 -11.75 21.67
CA TYR A 621 -15.11 -13.07 21.87
C TYR A 621 -13.80 -12.93 22.63
N ARG A 622 -13.23 -14.07 23.01
CA ARG A 622 -11.99 -14.08 23.75
C ARG A 622 -10.91 -14.82 22.99
N ILE A 623 -9.69 -14.32 23.08
CA ILE A 623 -8.53 -14.98 22.51
C ILE A 623 -7.51 -15.23 23.61
N GLU A 624 -7.11 -16.48 23.78
CA GLU A 624 -6.07 -16.81 24.74
C GLU A 624 -4.81 -17.34 24.06
N ASN A 625 -3.66 -16.96 24.59
CA ASN A 625 -2.41 -17.52 24.13
C ASN A 625 -2.19 -18.88 24.79
N THR A 626 -2.37 -19.94 24.02
CA THR A 626 -2.24 -21.30 24.55
C THR A 626 -0.87 -21.91 24.24
N GLY A 627 0.05 -21.10 23.74
CA GLY A 627 1.38 -21.58 23.39
C GLY A 627 2.43 -21.23 24.42
N GLY A 628 3.70 -21.33 24.01
CA GLY A 628 4.81 -21.14 24.93
C GLY A 628 5.60 -19.87 24.68
N ARG A 629 5.15 -19.07 23.73
CA ARG A 629 5.83 -17.82 23.41
C ARG A 629 4.83 -16.67 23.31
N ALA A 630 5.24 -15.50 23.75
CA ALA A 630 4.39 -14.32 23.65
C ALA A 630 4.13 -14.01 22.17
N GLY A 631 2.97 -13.45 21.87
CA GLY A 631 2.62 -13.11 20.50
C GLY A 631 1.28 -12.40 20.36
N LYS A 632 1.11 -11.70 19.24
CA LYS A 632 -0.16 -11.04 18.92
C LYS A 632 -0.98 -11.88 17.95
N GLU A 633 -2.30 -11.81 18.07
CA GLU A 633 -3.18 -12.50 17.15
C GLU A 633 -4.11 -11.54 16.42
N VAL A 634 -4.15 -11.67 15.10
CA VAL A 634 -5.08 -10.91 14.27
C VAL A 634 -6.35 -11.73 14.09
N SER A 635 -7.49 -11.17 14.50
CA SER A 635 -8.76 -11.83 14.28
C SER A 635 -9.60 -11.06 13.27
N GLN A 636 -10.37 -11.79 12.47
CA GLN A 636 -11.14 -11.20 11.39
C GLN A 636 -12.59 -11.58 11.50
N VAL A 637 -13.49 -10.59 11.39
CA VAL A 637 -14.91 -10.87 11.45
C VAL A 637 -15.52 -10.78 10.05
N TYR A 638 -15.93 -11.92 9.52
CA TYR A 638 -16.62 -11.97 8.23
C TYR A 638 -18.11 -12.11 8.46
N ILE A 639 -18.89 -11.41 7.64
CA ILE A 639 -20.34 -11.53 7.70
C ILE A 639 -20.83 -12.19 6.42
N LYS A 640 -21.63 -13.24 6.56
CA LYS A 640 -22.26 -13.88 5.42
C LYS A 640 -23.73 -13.47 5.37
N ALA A 641 -24.08 -12.63 4.39
CA ALA A 641 -25.45 -12.15 4.23
C ALA A 641 -26.32 -13.22 3.60
N PRO A 642 -27.64 -13.17 3.87
CA PRO A 642 -28.58 -14.14 3.27
C PRO A 642 -28.63 -13.93 1.77
N LYS A 643 -28.94 -14.98 1.02
CA LYS A 643 -29.06 -14.84 -0.44
C LYS A 643 -30.13 -13.83 -0.82
N GLY A 644 -31.29 -13.91 -0.18
CA GLY A 644 -32.32 -12.91 -0.34
C GLY A 644 -32.67 -12.56 -1.78
N LYS A 645 -32.42 -11.29 -2.15
CA LYS A 645 -32.92 -10.74 -3.40
C LYS A 645 -31.85 -10.64 -4.48
N ILE A 646 -30.63 -10.31 -4.07
CA ILE A 646 -29.57 -10.05 -5.03
C ILE A 646 -28.36 -10.95 -4.76
N ASP A 647 -27.61 -11.27 -5.81
CA ASP A 647 -26.37 -12.02 -5.64
C ASP A 647 -25.38 -11.25 -4.78
N LYS A 648 -24.65 -11.98 -3.95
CA LYS A 648 -23.65 -11.40 -3.05
C LYS A 648 -22.53 -12.40 -2.88
N PRO A 649 -21.32 -11.92 -2.53
CA PRO A 649 -20.21 -12.84 -2.25
C PRO A 649 -20.54 -13.77 -1.10
N PHE A 650 -19.85 -14.90 -1.06
CA PHE A 650 -19.97 -15.88 0.01
C PHE A 650 -19.90 -15.22 1.39
N GLN A 651 -18.93 -14.33 1.57
CA GLN A 651 -18.78 -13.60 2.83
C GLN A 651 -17.99 -12.32 2.58
N GLU A 652 -18.09 -11.38 3.51
CA GLU A 652 -17.33 -10.13 3.41
C GLU A 652 -16.77 -9.71 4.77
N LEU A 653 -15.49 -9.36 4.79
CA LEU A 653 -14.85 -8.81 5.97
C LEU A 653 -15.57 -7.53 6.38
N LYS A 654 -16.02 -7.45 7.63
CA LYS A 654 -16.67 -6.23 8.11
C LYS A 654 -15.94 -5.61 9.30
N ALA A 655 -15.16 -6.41 10.02
CA ALA A 655 -14.38 -5.91 11.14
C ALA A 655 -13.13 -6.74 11.33
N PHE A 656 -12.18 -6.21 12.08
CA PHE A 656 -10.96 -6.94 12.42
C PHE A 656 -10.29 -6.34 13.64
N HIS A 657 -9.39 -7.10 14.24
CA HIS A 657 -8.79 -6.71 15.51
C HIS A 657 -7.42 -7.35 15.64
N LYS A 658 -6.54 -6.72 16.42
CA LYS A 658 -5.26 -7.33 16.75
C LYS A 658 -5.00 -7.16 18.23
N THR A 659 -4.76 -8.28 18.88
CA THR A 659 -4.61 -8.33 20.33
C THR A 659 -3.31 -7.65 20.75
N ARG A 660 -3.20 -7.33 22.03
CA ARG A 660 -1.94 -6.84 22.57
C ARG A 660 -0.92 -7.96 22.48
N LEU A 661 0.30 -7.71 22.90
CA LEU A 661 1.29 -8.78 23.02
C LEU A 661 0.92 -9.66 24.21
N LEU A 662 0.42 -10.85 23.91
CA LEU A 662 -0.04 -11.76 24.96
C LEU A 662 1.04 -12.75 25.36
N ASN A 663 1.34 -12.82 26.66
CA ASN A 663 2.22 -13.84 27.21
C ASN A 663 1.48 -15.16 27.26
N PRO A 664 2.23 -16.28 27.33
CA PRO A 664 1.60 -17.59 27.46
C PRO A 664 0.57 -17.60 28.59
N GLY A 665 -0.65 -18.03 28.29
CA GLY A 665 -1.69 -18.12 29.30
C GLY A 665 -2.57 -16.89 29.39
N GLU A 666 -2.11 -15.78 28.84
CA GLU A 666 -2.88 -14.54 28.84
C GLU A 666 -3.97 -14.56 27.79
N SER A 667 -5.10 -13.93 28.11
CA SER A 667 -6.18 -13.77 27.16
C SER A 667 -6.60 -12.31 27.06
N GLU A 668 -7.42 -12.00 26.06
CA GLU A 668 -7.94 -10.65 25.89
C GLU A 668 -9.36 -10.74 25.34
N GLU A 669 -10.26 -9.90 25.86
CA GLU A 669 -11.63 -9.87 25.38
C GLU A 669 -11.75 -8.84 24.26
N VAL A 670 -12.22 -9.31 23.11
CA VAL A 670 -12.37 -8.47 21.93
C VAL A 670 -13.82 -8.01 21.77
N VAL A 671 -14.01 -6.72 21.54
CA VAL A 671 -15.35 -6.17 21.37
C VAL A 671 -15.38 -5.30 20.12
N LEU A 672 -16.13 -5.75 19.12
CA LEU A 672 -16.20 -5.02 17.85
C LEU A 672 -17.64 -4.64 17.53
N GLU A 673 -17.83 -3.41 17.10
CA GLU A 673 -19.16 -2.93 16.71
C GLU A 673 -19.22 -2.57 15.24
N ILE A 674 -20.29 -3.01 14.59
CA ILE A 674 -20.49 -2.78 13.17
C ILE A 674 -21.84 -2.12 12.95
N PRO A 675 -21.85 -0.88 12.44
CA PRO A 675 -23.09 -0.16 12.14
C PRO A 675 -23.89 -0.88 11.06
N VAL A 676 -25.22 -0.90 11.21
CA VAL A 676 -26.09 -1.66 10.30
C VAL A 676 -25.85 -1.32 8.84
N ARG A 677 -25.56 -0.05 8.57
CA ARG A 677 -25.28 0.43 7.22
C ARG A 677 -24.18 -0.35 6.51
N ASP A 678 -23.15 -0.74 7.28
CA ASP A 678 -22.02 -1.46 6.70
C ASP A 678 -22.40 -2.83 6.19
N LEU A 679 -23.62 -3.27 6.54
CA LEU A 679 -24.09 -4.59 6.12
C LEU A 679 -24.70 -4.58 4.72
N ALA A 680 -24.91 -3.38 4.17
CA ALA A 680 -25.64 -3.24 2.90
C ALA A 680 -24.91 -3.77 1.68
N SER A 681 -25.69 -4.14 0.66
CA SER A 681 -25.19 -4.36 -0.68
C SER A 681 -25.81 -3.29 -1.56
N PHE A 682 -25.16 -2.97 -2.67
CA PHE A 682 -25.65 -1.93 -3.57
C PHE A 682 -26.31 -2.57 -4.79
N ASN A 683 -27.60 -2.31 -4.98
CA ASN A 683 -28.37 -2.96 -6.04
C ASN A 683 -28.37 -2.22 -7.36
N GLY A 684 -27.51 -1.22 -7.48
CA GLY A 684 -27.43 -0.42 -8.70
C GLY A 684 -28.04 0.95 -8.51
N GLU A 685 -28.97 1.05 -7.55
CA GLU A 685 -29.64 2.31 -7.25
C GLU A 685 -29.42 2.71 -5.79
N GLU A 686 -29.59 1.74 -4.89
CA GLU A 686 -29.55 2.03 -3.46
C GLU A 686 -28.76 0.99 -2.68
N TRP A 687 -28.22 1.41 -1.55
CA TRP A 687 -27.66 0.50 -0.57
C TRP A 687 -28.83 -0.16 0.15
N VAL A 688 -28.80 -1.48 0.25
CA VAL A 688 -29.89 -2.21 0.88
C VAL A 688 -29.37 -3.21 1.90
N VAL A 689 -29.88 -3.11 3.13
CA VAL A 689 -29.65 -4.15 4.11
C VAL A 689 -30.90 -5.03 4.13
N GLU A 690 -30.78 -6.23 3.56
CA GLU A 690 -31.92 -7.13 3.43
C GLU A 690 -32.26 -7.77 4.78
N ALA A 691 -33.55 -7.99 5.00
CA ALA A 691 -34.01 -8.71 6.18
C ALA A 691 -33.58 -10.16 6.04
N GLY A 692 -33.50 -10.87 7.17
CA GLY A 692 -33.13 -12.27 7.14
C GLY A 692 -32.03 -12.62 8.12
N GLU A 693 -31.54 -13.86 8.04
CA GLU A 693 -30.53 -14.33 8.97
C GLU A 693 -29.12 -14.17 8.43
N TYR A 694 -28.27 -13.50 9.20
CA TYR A 694 -26.87 -13.29 8.86
C TYR A 694 -25.97 -14.22 9.69
N GLU A 695 -24.86 -14.67 9.12
CA GLU A 695 -23.92 -15.47 9.88
C GLU A 695 -22.68 -14.65 10.22
N VAL A 696 -22.30 -14.69 11.48
CA VAL A 696 -21.07 -14.07 11.92
C VAL A 696 -19.99 -15.15 11.96
N ARG A 697 -18.90 -14.90 11.25
CA ARG A 697 -17.80 -15.84 11.14
C ARG A 697 -16.51 -15.19 11.63
N VAL A 698 -16.03 -15.61 12.79
CA VAL A 698 -14.79 -15.05 13.35
C VAL A 698 -13.63 -15.98 13.00
N GLY A 699 -12.69 -15.47 12.21
CA GLY A 699 -11.61 -16.31 11.70
C GLY A 699 -10.19 -15.88 12.03
N ALA A 700 -9.28 -16.85 11.95
CA ALA A 700 -7.84 -16.58 12.04
C ALA A 700 -7.34 -16.35 10.62
N SER A 701 -8.25 -16.59 9.67
CA SER A 701 -8.08 -16.23 8.26
C SER A 701 -9.45 -16.34 7.60
N SER A 702 -9.53 -16.02 6.32
CA SER A 702 -10.82 -16.07 5.63
C SER A 702 -11.35 -17.50 5.53
N ARG A 703 -10.48 -18.50 5.71
CA ARG A 703 -10.86 -19.90 5.57
C ARG A 703 -10.62 -20.72 6.82
N ASN A 704 -10.23 -20.05 7.91
CA ASN A 704 -10.03 -20.70 9.18
C ASN A 704 -10.93 -20.05 10.21
N ILE A 705 -12.22 -20.35 10.10
CA ILE A 705 -13.23 -19.74 10.98
C ILE A 705 -13.25 -20.45 12.34
N LYS A 706 -13.03 -19.67 13.39
CA LYS A 706 -12.88 -20.21 14.73
C LYS A 706 -14.21 -20.18 15.48
N LEU A 707 -15.02 -19.17 15.21
CA LEU A 707 -16.30 -19.03 15.89
C LEU A 707 -17.42 -18.61 14.93
N LYS A 708 -18.60 -19.18 15.12
CA LYS A 708 -19.75 -18.87 14.28
C LYS A 708 -20.97 -18.58 15.13
N GLY A 709 -21.73 -17.58 14.70
CA GLY A 709 -22.99 -17.24 15.34
C GLY A 709 -23.90 -16.64 14.30
N THR A 710 -25.15 -16.38 14.69
CA THR A 710 -26.08 -15.74 13.77
C THR A 710 -26.79 -14.59 14.45
N PHE A 711 -27.30 -13.68 13.65
CA PHE A 711 -28.25 -12.68 14.11
C PHE A 711 -29.26 -12.47 12.99
N SER A 712 -30.32 -11.73 13.29
CA SER A 712 -31.36 -11.51 12.31
C SER A 712 -31.66 -10.02 12.13
N VAL A 713 -31.85 -9.61 10.90
CA VAL A 713 -32.35 -8.27 10.61
C VAL A 713 -33.84 -8.38 10.33
N GLY A 714 -34.65 -7.77 11.19
CA GLY A 714 -36.09 -7.92 11.10
C GLY A 714 -36.70 -7.02 10.04
N GLU A 715 -36.07 -5.88 9.82
CA GLU A 715 -36.63 -4.87 8.93
C GLU A 715 -35.62 -4.42 7.88
N GLU A 716 -36.00 -4.53 6.62
CA GLU A 716 -35.14 -4.07 5.53
C GLU A 716 -34.83 -2.58 5.69
N ARG A 717 -33.56 -2.23 5.50
CA ARG A 717 -33.14 -0.85 5.54
C ARG A 717 -32.61 -0.42 4.18
N ARG A 718 -33.00 0.75 3.72
CA ARG A 718 -32.54 1.25 2.44
C ARG A 718 -31.86 2.61 2.61
N PHE A 719 -30.79 2.83 1.83
CA PHE A 719 -30.04 4.08 1.91
C PHE A 719 -29.72 4.59 0.51
N LYS A 720 -30.28 5.75 0.16
CA LYS A 720 -29.99 6.37 -1.13
C LYS A 720 -28.71 7.18 -1.05
N PRO A 721 -27.80 6.97 -2.00
CA PRO A 721 -26.51 7.68 -2.05
C PRO A 721 -26.68 9.20 -1.99
#